data_8TGN
#
_entry.id   8TGN
#
_cell.length_a   1.00
_cell.length_b   1.00
_cell.length_c   1.00
_cell.angle_alpha   90.00
_cell.angle_beta   90.00
_cell.angle_gamma   90.00
#
_symmetry.space_group_name_H-M   'P 1'
#
loop_
_entity.id
_entity.type
_entity.pdbx_description
1 polymer 'Chromaffin granule amine transporter'
2 non-polymer SEROTONIN
3 non-polymer reserpine
#
_entity_poly.entity_id   1
_entity_poly.type   'polypeptide(L)'
_entity_poly.pdbx_seq_one_letter_code
;MLRTILDAPQRLLKEGRASRQLVLVVVFVALLLDNMLFTVVVPIVPTFLYDMEFKEVNSSLHLGHAGSNCLQGTGFLEEE
ITRVGVLFASKAVMQLLVNPFVGPLTNRIGYHIPMFAGFVIMFLSTVMFAFSGTYTLLFVARTLQGIGSSFSSVAGLGML
ASVYTDDHERGRAMGTALGGLALGLLVGAPFGSVMYEFVGKSAPFLILAFLALLDGALQLCILQPSKVSPESAKGTPLFM
LLKDPYILVAAGSICFANMGVAILEPTLPIWMMQTMCSPKWQLGLAFLPASVSYLIGTNLFGVLANKMGRWLCSLIGMLV
VGTSLLCVPLAHNIFGLIGPNAGLGLAIGMVDSSMMPIMGHLVDLRHTSVYGSVYAIADVAFCMGFAIGPSTGGAIVKAI
GFPWLMVITGVINIVYAPLCYYLRSPPAKEEKLAILSQDCPMETRMYATQKPTKEFPLGEDSDEEPDHEE
;
_entity_poly.pdbx_strand_id   A,B
#
# COMPACT_ATOMS: atom_id res chain seq x y z
N SER A 19 11.07 11.07 37.67
CA SER A 19 10.01 10.11 37.98
C SER A 19 9.18 9.81 36.74
N ARG A 20 9.27 10.70 35.74
CA ARG A 20 8.58 10.50 34.48
C ARG A 20 9.06 9.24 33.75
N GLN A 21 10.33 8.89 33.88
CA GLN A 21 10.85 7.65 33.31
C GLN A 21 10.45 6.42 34.10
N LEU A 22 10.28 6.54 35.42
CA LEU A 22 9.96 5.40 36.26
C LEU A 22 8.55 4.85 36.04
N VAL A 23 7.69 5.60 35.35
CA VAL A 23 6.37 5.08 34.99
C VAL A 23 6.46 4.16 33.78
N LEU A 24 7.45 4.36 32.91
CA LEU A 24 7.64 3.50 31.76
C LEU A 24 8.22 2.13 32.13
N VAL A 25 9.11 2.07 33.11
CA VAL A 25 9.68 0.79 33.50
C VAL A 25 8.62 -0.09 34.17
N VAL A 26 7.65 0.52 34.86
CA VAL A 26 6.60 -0.26 35.52
C VAL A 26 5.70 -0.92 34.48
N VAL A 27 5.23 -0.16 33.50
CA VAL A 27 4.33 -0.70 32.49
C VAL A 27 5.09 -1.64 31.56
N PHE A 28 6.40 -1.42 31.42
CA PHE A 28 7.25 -2.33 30.67
C PHE A 28 7.25 -3.72 31.29
N VAL A 29 7.16 -3.80 32.62
CA VAL A 29 7.20 -5.10 33.27
C VAL A 29 5.78 -5.61 33.53
N ALA A 30 4.81 -4.71 33.63
CA ALA A 30 3.42 -5.14 33.80
C ALA A 30 2.91 -5.87 32.56
N LEU A 31 3.16 -5.32 31.38
CA LEU A 31 2.79 -6.01 30.15
C LEU A 31 3.66 -7.22 29.90
N LEU A 32 4.87 -7.24 30.47
CA LEU A 32 5.76 -8.39 30.30
C LEU A 32 5.18 -9.63 30.97
N LEU A 33 4.76 -9.51 32.22
CA LEU A 33 4.33 -10.69 32.97
C LEU A 33 2.92 -11.11 32.58
N ASP A 34 2.02 -10.15 32.38
CA ASP A 34 0.63 -10.49 32.07
C ASP A 34 0.51 -11.15 30.70
N ASN A 35 1.26 -10.63 29.72
CA ASN A 35 1.30 -11.25 28.41
C ASN A 35 2.13 -12.52 28.41
N MET A 36 2.98 -12.71 29.41
CA MET A 36 3.70 -13.97 29.53
C MET A 36 2.74 -15.12 29.80
N LEU A 37 1.75 -14.90 30.67
CA LEU A 37 0.82 -15.97 31.02
C LEU A 37 -0.15 -16.24 29.87
N PHE A 38 -0.35 -15.25 29.00
CA PHE A 38 -1.20 -15.45 27.82
C PHE A 38 -0.61 -16.51 26.89
N THR A 39 0.70 -16.48 26.68
CA THR A 39 1.33 -17.38 25.73
C THR A 39 1.94 -18.62 26.36
N VAL A 40 2.29 -18.57 27.65
CA VAL A 40 2.85 -19.75 28.29
C VAL A 40 1.81 -20.84 28.41
N VAL A 41 0.54 -20.47 28.64
CA VAL A 41 -0.52 -21.46 28.82
C VAL A 41 -0.89 -22.16 27.53
N VAL A 42 -0.54 -21.61 26.37
CA VAL A 42 -0.91 -22.13 25.06
C VAL A 42 -0.43 -23.56 24.84
N PRO A 43 0.84 -23.90 25.06
CA PRO A 43 1.27 -25.31 24.90
C PRO A 43 1.19 -26.16 26.15
N ILE A 44 0.43 -25.76 27.17
CA ILE A 44 0.43 -26.52 28.43
C ILE A 44 -0.97 -27.02 28.78
N VAL A 45 -2.02 -26.36 28.28
CA VAL A 45 -3.38 -26.77 28.62
C VAL A 45 -3.89 -27.96 27.82
N PRO A 46 -3.82 -28.01 26.48
CA PRO A 46 -4.46 -29.15 25.80
C PRO A 46 -3.71 -30.45 25.99
N THR A 47 -2.38 -30.39 26.09
CA THR A 47 -1.61 -31.58 26.42
C THR A 47 -1.92 -32.07 27.83
N PHE A 48 -2.11 -31.15 28.77
CA PHE A 48 -2.49 -31.53 30.13
C PHE A 48 -3.86 -32.18 30.16
N LEU A 49 -4.81 -31.63 29.40
CA LEU A 49 -6.19 -32.12 29.49
C LEU A 49 -6.34 -33.47 28.82
N TYR A 50 -5.45 -33.80 27.89
CA TYR A 50 -5.53 -35.10 27.22
C TYR A 50 -5.21 -36.23 28.18
N ASP A 51 -4.33 -36.00 29.15
CA ASP A 51 -3.88 -37.03 30.10
C ASP A 51 -3.20 -38.19 29.37
N GLU A 79 -14.90 -32.60 17.73
CA GLU A 79 -15.71 -31.84 18.67
C GLU A 79 -14.89 -31.47 19.91
N GLU A 80 -13.93 -32.32 20.26
CA GLU A 80 -13.09 -32.05 21.42
C GLU A 80 -12.19 -30.86 21.21
N ILE A 81 -11.82 -30.57 19.95
CA ILE A 81 -10.97 -29.43 19.66
C ILE A 81 -11.71 -28.12 19.94
N THR A 82 -13.02 -28.10 19.68
CA THR A 82 -13.81 -26.88 19.89
C THR A 82 -13.88 -26.50 21.36
N ARG A 83 -14.05 -27.49 22.25
CA ARG A 83 -14.09 -27.20 23.67
C ARG A 83 -12.74 -26.72 24.18
N VAL A 84 -11.65 -27.16 23.53
CA VAL A 84 -10.32 -26.67 23.87
C VAL A 84 -10.17 -25.21 23.44
N GLY A 85 -10.67 -24.87 22.25
CA GLY A 85 -10.53 -23.52 21.76
C GLY A 85 -11.35 -22.52 22.54
N VAL A 86 -12.44 -22.98 23.16
CA VAL A 86 -13.27 -22.09 23.96
C VAL A 86 -12.55 -21.70 25.25
N LEU A 87 -11.58 -22.52 25.67
CA LEU A 87 -10.72 -22.16 26.79
C LEU A 87 -9.95 -20.87 26.50
N PHE A 88 -9.37 -20.77 25.30
CA PHE A 88 -8.49 -19.64 24.99
C PHE A 88 -9.27 -18.34 24.90
N ALA A 89 -10.48 -18.38 24.35
CA ALA A 89 -11.23 -17.17 24.11
C ALA A 89 -12.02 -16.70 25.32
N SER A 90 -11.92 -17.42 26.45
CA SER A 90 -12.60 -16.98 27.66
C SER A 90 -12.04 -15.66 28.16
N LYS A 91 -10.73 -15.44 28.03
CA LYS A 91 -10.17 -14.13 28.34
C LYS A 91 -10.69 -13.08 27.39
N ALA A 92 -10.75 -13.39 26.10
CA ALA A 92 -11.04 -12.37 25.10
C ALA A 92 -12.50 -11.92 25.18
N VAL A 93 -13.42 -12.84 25.48
CA VAL A 93 -14.83 -12.46 25.57
C VAL A 93 -15.06 -11.61 26.80
N MET A 94 -14.55 -12.03 27.96
CA MET A 94 -14.82 -11.34 29.21
C MET A 94 -14.14 -9.98 29.27
N GLN A 95 -12.92 -9.88 28.72
CA GLN A 95 -12.20 -8.61 28.75
C GLN A 95 -12.89 -7.56 27.89
N LEU A 96 -13.62 -7.99 26.86
CA LEU A 96 -14.36 -7.04 26.04
C LEU A 96 -15.50 -6.39 26.83
N LEU A 97 -16.17 -7.15 27.67
CA LEU A 97 -17.31 -6.61 28.41
C LEU A 97 -16.86 -5.71 29.55
N VAL A 98 -15.79 -6.10 30.26
CA VAL A 98 -15.33 -5.32 31.40
C VAL A 98 -14.68 -4.01 30.95
N ASN A 99 -14.21 -3.94 29.71
CA ASN A 99 -13.51 -2.76 29.23
C ASN A 99 -14.35 -1.48 29.25
N PRO A 100 -15.61 -1.47 28.79
CA PRO A 100 -16.42 -0.23 28.94
C PRO A 100 -16.67 0.17 30.38
N PHE A 101 -16.61 -0.77 31.33
CA PHE A 101 -16.70 -0.42 32.74
C PHE A 101 -15.33 -0.17 33.37
N VAL A 102 -14.25 -0.45 32.66
CA VAL A 102 -12.91 -0.20 33.19
C VAL A 102 -12.38 1.16 32.76
N GLY A 103 -12.66 1.58 31.53
CA GLY A 103 -12.18 2.84 31.00
C GLY A 103 -12.62 4.05 31.80
N PRO A 104 -13.93 4.27 31.92
CA PRO A 104 -14.42 5.39 32.74
C PRO A 104 -14.08 5.26 34.22
N LEU A 105 -13.79 4.05 34.71
CA LEU A 105 -13.39 3.92 36.10
C LEU A 105 -12.04 4.58 36.36
N THR A 106 -11.17 4.62 35.34
CA THR A 106 -9.85 5.22 35.50
C THR A 106 -9.95 6.72 35.75
N ASN A 107 -11.01 7.37 35.28
CA ASN A 107 -11.19 8.80 35.52
C ASN A 107 -11.41 9.08 37.00
N ARG A 108 -12.24 8.29 37.66
CA ARG A 108 -12.72 8.64 38.99
C ARG A 108 -11.81 8.16 40.11
N ILE A 109 -10.83 7.29 39.84
CA ILE A 109 -9.94 6.81 40.88
C ILE A 109 -8.47 6.90 40.49
N GLY A 110 -8.16 7.43 39.31
CA GLY A 110 -6.78 7.45 38.86
C GLY A 110 -6.37 6.15 38.21
N TYR A 111 -5.06 6.05 37.95
CA TYR A 111 -4.51 4.91 37.22
C TYR A 111 -3.79 3.90 38.11
N HIS A 112 -3.38 4.29 39.31
CA HIS A 112 -2.56 3.42 40.15
C HIS A 112 -3.35 2.22 40.64
N ILE A 113 -4.57 2.47 41.14
CA ILE A 113 -5.38 1.39 41.73
C ILE A 113 -5.75 0.33 40.71
N PRO A 114 -6.17 0.66 39.48
CA PRO A 114 -6.40 -0.40 38.48
C PRO A 114 -5.18 -1.26 38.19
N MET A 115 -3.98 -0.67 38.18
CA MET A 115 -2.81 -1.47 37.89
C MET A 115 -2.45 -2.36 39.08
N PHE A 116 -2.65 -1.85 40.30
CA PHE A 116 -2.45 -2.68 41.49
C PHE A 116 -3.44 -3.85 41.52
N ALA A 117 -4.70 -3.58 41.14
CA ALA A 117 -5.69 -4.65 41.05
C ALA A 117 -5.34 -5.65 39.96
N GLY A 118 -4.77 -5.17 38.85
CA GLY A 118 -4.29 -6.07 37.81
C GLY A 118 -3.18 -6.97 38.31
N PHE A 119 -2.28 -6.41 39.12
CA PHE A 119 -1.24 -7.22 39.78
C PHE A 119 -1.86 -8.31 40.64
N VAL A 120 -2.84 -7.94 41.48
CA VAL A 120 -3.47 -8.90 42.39
C VAL A 120 -4.17 -10.01 41.60
N ILE A 121 -4.91 -9.61 40.57
CA ILE A 121 -5.68 -10.57 39.78
C ILE A 121 -4.75 -11.50 39.00
N MET A 122 -3.63 -10.97 38.50
CA MET A 122 -2.68 -11.82 37.80
C MET A 122 -2.04 -12.82 38.74
N PHE A 123 -1.81 -12.40 39.98
CA PHE A 123 -1.26 -13.30 40.98
C PHE A 123 -2.25 -14.43 41.24
N LEU A 124 -3.52 -14.09 41.43
CA LEU A 124 -4.54 -15.11 41.67
C LEU A 124 -4.71 -16.03 40.48
N SER A 125 -4.66 -15.49 39.26
CA SER A 125 -4.84 -16.30 38.07
C SER A 125 -3.69 -17.29 37.90
N THR A 126 -2.45 -16.84 38.08
CA THR A 126 -1.33 -17.77 37.91
C THR A 126 -1.31 -18.82 39.01
N VAL A 127 -1.64 -18.43 40.24
CA VAL A 127 -1.66 -19.41 41.33
C VAL A 127 -2.76 -20.44 41.11
N MET A 128 -3.94 -20.01 40.67
CA MET A 128 -5.02 -20.95 40.40
C MET A 128 -4.68 -21.84 39.21
N PHE A 129 -3.94 -21.31 38.24
CA PHE A 129 -3.46 -22.14 37.14
C PHE A 129 -2.50 -23.21 37.63
N ALA A 130 -1.68 -22.86 38.63
CA ALA A 130 -0.66 -23.81 39.11
C ALA A 130 -1.27 -25.04 39.75
N PHE A 131 -2.41 -24.91 40.42
CA PHE A 131 -3.00 -26.00 41.19
C PHE A 131 -4.21 -26.64 40.53
N SER A 132 -4.97 -25.89 39.73
CA SER A 132 -6.18 -26.44 39.13
C SER A 132 -5.83 -27.50 38.09
N GLY A 133 -6.64 -28.56 38.05
CA GLY A 133 -6.38 -29.67 37.16
C GLY A 133 -7.61 -30.20 36.44
N THR A 134 -8.60 -29.34 36.21
CA THR A 134 -9.81 -29.71 35.49
C THR A 134 -10.31 -28.51 34.70
N TYR A 135 -11.33 -28.75 33.87
CA TYR A 135 -11.77 -27.73 32.94
C TYR A 135 -12.50 -26.59 33.66
N THR A 136 -13.41 -26.92 34.57
CA THR A 136 -14.18 -25.87 35.25
C THR A 136 -13.31 -25.05 36.18
N LEU A 137 -12.24 -25.64 36.70
CA LEU A 137 -11.27 -24.90 37.50
C LEU A 137 -10.31 -24.08 36.65
N LEU A 138 -10.13 -24.43 35.38
CA LEU A 138 -9.22 -23.72 34.49
C LEU A 138 -9.92 -22.61 33.73
N PHE A 139 -11.24 -22.65 33.60
CA PHE A 139 -12.00 -21.58 32.96
C PHE A 139 -12.02 -20.30 33.77
N VAL A 140 -12.23 -20.41 35.08
CA VAL A 140 -12.25 -19.24 35.94
C VAL A 140 -10.87 -18.61 35.99
N ALA A 141 -9.81 -19.43 35.93
CA ALA A 141 -8.46 -18.90 35.89
C ALA A 141 -8.21 -18.10 34.62
N ARG A 142 -8.69 -18.58 33.48
CA ARG A 142 -8.50 -17.85 32.23
C ARG A 142 -9.31 -16.57 32.21
N THR A 143 -10.53 -16.60 32.73
CA THR A 143 -11.33 -15.37 32.80
C THR A 143 -10.69 -14.36 33.76
N LEU A 144 -10.11 -14.86 34.86
CA LEU A 144 -9.37 -13.98 35.76
C LEU A 144 -8.17 -13.35 35.07
N GLN A 145 -7.45 -14.14 34.27
CA GLN A 145 -6.34 -13.59 33.49
C GLN A 145 -6.83 -12.54 32.51
N GLY A 146 -8.01 -12.76 31.93
CA GLY A 146 -8.59 -11.77 31.03
C GLY A 146 -8.89 -10.44 31.72
N ILE A 147 -9.51 -10.51 32.91
CA ILE A 147 -9.83 -9.29 33.62
C ILE A 147 -8.55 -8.58 34.07
N GLY A 148 -7.55 -9.35 34.48
CA GLY A 148 -6.28 -8.75 34.86
C GLY A 148 -5.56 -8.10 33.70
N SER A 149 -5.58 -8.75 32.54
CA SER A 149 -4.96 -8.17 31.36
C SER A 149 -5.67 -6.90 30.93
N SER A 150 -7.00 -6.87 31.04
CA SER A 150 -7.74 -5.66 30.70
C SER A 150 -7.36 -4.50 31.61
N PHE A 151 -7.32 -4.76 32.93
CA PHE A 151 -6.91 -3.75 33.90
C PHE A 151 -5.51 -3.23 33.61
N SER A 152 -4.56 -4.15 33.42
CA SER A 152 -3.16 -3.78 33.23
C SER A 152 -2.98 -2.99 31.93
N SER A 153 -3.60 -3.44 30.84
CA SER A 153 -3.42 -2.78 29.55
C SER A 153 -3.99 -1.37 29.56
N VAL A 154 -5.23 -1.22 30.04
CA VAL A 154 -5.88 0.09 30.03
C VAL A 154 -5.14 1.05 30.95
N ALA A 155 -4.82 0.60 32.17
CA ALA A 155 -4.14 1.48 33.12
C ALA A 155 -2.74 1.85 32.65
N GLY A 156 -1.99 0.90 32.10
CA GLY A 156 -0.63 1.19 31.67
C GLY A 156 -0.58 2.15 30.49
N LEU A 157 -1.42 1.91 29.47
CA LEU A 157 -1.41 2.79 28.32
C LEU A 157 -1.92 4.18 28.69
N GLY A 158 -2.92 4.26 29.57
CA GLY A 158 -3.40 5.55 30.02
C GLY A 158 -2.36 6.32 30.80
N MET A 159 -1.61 5.64 31.68
CA MET A 159 -0.63 6.34 32.49
C MET A 159 0.58 6.75 31.65
N LEU A 160 0.98 5.93 30.68
CA LEU A 160 2.02 6.34 29.75
C LEU A 160 1.58 7.56 28.94
N ALA A 161 0.33 7.58 28.49
CA ALA A 161 -0.17 8.73 27.75
C ALA A 161 -0.22 9.98 28.62
N SER A 162 -0.58 9.81 29.89
CA SER A 162 -0.75 10.98 30.76
C SER A 162 0.59 11.56 31.17
N VAL A 163 1.57 10.72 31.51
CA VAL A 163 2.82 11.23 32.04
C VAL A 163 3.72 11.74 30.91
N TYR A 164 3.57 11.18 29.71
CA TYR A 164 4.29 11.65 28.54
C TYR A 164 3.38 12.60 27.76
N THR A 165 3.73 13.89 27.74
CA THR A 165 2.88 14.90 27.12
C THR A 165 3.31 15.29 25.71
N ASP A 166 4.62 15.40 25.46
CA ASP A 166 5.13 15.74 24.13
C ASP A 166 4.78 14.63 23.15
N ASP A 167 4.27 15.01 21.98
CA ASP A 167 3.73 14.03 21.04
C ASP A 167 4.83 13.11 20.51
N HIS A 168 5.95 13.69 20.07
CA HIS A 168 7.09 12.88 19.64
C HIS A 168 7.64 12.06 20.79
N GLU A 169 7.74 12.67 21.98
CA GLU A 169 8.19 11.95 23.16
C GLU A 169 7.21 10.85 23.56
N ARG A 170 5.91 11.13 23.50
CA ARG A 170 4.89 10.12 23.76
C ARG A 170 4.90 8.99 22.73
N GLY A 171 5.39 9.24 21.52
CA GLY A 171 5.48 8.21 20.52
C GLY A 171 6.56 7.17 20.75
N ARG A 172 7.37 7.41 21.76
CA ARG A 172 8.52 6.51 22.05
C ARG A 172 8.26 5.61 23.24
N ALA A 173 7.55 6.10 24.25
CA ALA A 173 7.19 5.29 25.41
C ALA A 173 6.26 4.15 25.02
N MET A 174 5.27 4.45 24.18
CA MET A 174 4.36 3.41 23.71
C MET A 174 5.08 2.41 22.83
N GLY A 175 6.06 2.87 22.04
CA GLY A 175 6.85 1.94 21.25
C GLY A 175 7.65 0.98 22.09
N THR A 176 8.30 1.48 23.14
CA THR A 176 9.08 0.60 24.00
C THR A 176 8.19 -0.29 24.86
N ALA A 177 7.00 0.19 25.23
CA ALA A 177 6.06 -0.66 25.96
C ALA A 177 5.54 -1.79 25.07
N LEU A 178 5.24 -1.48 23.81
CA LEU A 178 4.86 -2.54 22.88
C LEU A 178 6.03 -3.47 22.60
N GLY A 179 7.26 -2.96 22.66
CA GLY A 179 8.42 -3.84 22.57
C GLY A 179 8.50 -4.81 23.73
N GLY A 180 8.23 -4.32 24.94
CA GLY A 180 8.18 -5.20 26.09
C GLY A 180 7.08 -6.24 25.97
N LEU A 181 5.93 -5.83 25.42
CA LEU A 181 4.84 -6.77 25.14
C LEU A 181 5.29 -7.83 24.14
N ALA A 182 5.97 -7.41 23.07
CA ALA A 182 6.45 -8.34 22.06
C ALA A 182 7.45 -9.32 22.66
N LEU A 183 8.33 -8.84 23.53
CA LEU A 183 9.29 -9.74 24.18
C LEU A 183 8.58 -10.70 25.11
N GLY A 184 7.51 -10.25 25.76
CA GLY A 184 6.75 -11.14 26.63
C GLY A 184 6.10 -12.28 25.89
N LEU A 185 5.38 -11.96 24.80
CA LEU A 185 4.80 -13.03 23.98
C LEU A 185 5.88 -13.85 23.27
N LEU A 186 7.07 -13.27 23.07
CA LEU A 186 8.15 -14.04 22.46
C LEU A 186 8.66 -15.10 23.41
N VAL A 187 8.87 -14.74 24.68
CA VAL A 187 9.46 -15.69 25.63
C VAL A 187 8.43 -16.56 26.32
N GLY A 188 7.14 -16.25 26.19
CA GLY A 188 6.13 -17.02 26.88
C GLY A 188 6.00 -18.49 26.49
N ALA A 189 6.02 -18.78 25.19
CA ALA A 189 5.75 -20.15 24.75
C ALA A 189 6.89 -21.11 25.03
N PRO A 190 8.14 -20.86 24.59
CA PRO A 190 9.22 -21.83 24.89
C PRO A 190 9.51 -21.97 26.37
N PHE A 191 9.29 -20.90 27.14
CA PHE A 191 9.42 -20.96 28.60
C PHE A 191 8.50 -22.02 29.19
N GLY A 192 7.21 -21.94 28.84
CA GLY A 192 6.26 -22.92 29.34
C GLY A 192 6.55 -24.31 28.82
N SER A 193 7.01 -24.42 27.57
CA SER A 193 7.31 -25.72 27.00
C SER A 193 8.44 -26.42 27.74
N VAL A 194 9.56 -25.73 27.94
CA VAL A 194 10.72 -26.37 28.57
C VAL A 194 10.48 -26.58 30.06
N MET A 195 9.80 -25.64 30.73
CA MET A 195 9.43 -25.87 32.13
C MET A 195 8.47 -27.05 32.29
N TYR A 196 7.51 -27.21 31.39
CA TYR A 196 6.59 -28.33 31.52
C TYR A 196 7.29 -29.64 31.19
N GLU A 197 8.27 -29.61 30.27
CA GLU A 197 9.02 -30.82 29.95
C GLU A 197 9.91 -31.24 31.11
N PHE A 198 10.55 -30.29 31.78
CA PHE A 198 11.61 -30.64 32.73
C PHE A 198 11.25 -30.43 34.19
N VAL A 199 10.70 -29.28 34.56
CA VAL A 199 10.63 -28.91 35.98
C VAL A 199 9.21 -29.11 36.47
N GLY A 200 8.28 -29.33 35.54
CA GLY A 200 6.91 -29.61 35.92
C GLY A 200 5.93 -28.57 35.40
N LYS A 201 4.67 -28.76 35.78
CA LYS A 201 3.60 -27.86 35.35
C LYS A 201 3.43 -26.66 36.26
N SER A 202 3.38 -26.87 37.57
CA SER A 202 3.19 -25.76 38.50
C SER A 202 4.37 -24.81 38.53
N ALA A 203 5.58 -25.31 38.23
CA ALA A 203 6.79 -24.49 38.30
C ALA A 203 6.78 -23.30 37.36
N PRO A 204 6.42 -23.43 36.07
CA PRO A 204 6.30 -22.23 35.22
C PRO A 204 5.26 -21.24 35.70
N PHE A 205 4.24 -21.68 36.45
CA PHE A 205 3.30 -20.75 37.04
C PHE A 205 3.74 -20.26 38.42
N LEU A 206 4.48 -21.09 39.17
CA LEU A 206 5.03 -20.61 40.45
C LEU A 206 6.07 -19.53 40.24
N ILE A 207 6.93 -19.68 39.22
CA ILE A 207 7.92 -18.67 38.92
C ILE A 207 7.24 -17.39 38.45
N LEU A 208 6.15 -17.52 37.70
CA LEU A 208 5.37 -16.35 37.31
C LEU A 208 4.76 -15.68 38.53
N ALA A 209 4.31 -16.46 39.50
CA ALA A 209 3.79 -15.89 40.74
C ALA A 209 4.87 -15.14 41.51
N PHE A 210 6.09 -15.69 41.55
CA PHE A 210 7.19 -15.01 42.22
C PHE A 210 7.54 -13.70 41.52
N LEU A 211 7.59 -13.72 40.18
CA LEU A 211 7.86 -12.51 39.44
C LEU A 211 6.73 -11.50 39.61
N ALA A 212 5.50 -11.98 39.73
CA ALA A 212 4.39 -11.08 40.03
C ALA A 212 4.54 -10.45 41.40
N LEU A 213 5.02 -11.22 42.38
CA LEU A 213 5.28 -10.69 43.71
C LEU A 213 6.35 -9.60 43.66
N LEU A 214 7.41 -9.84 42.89
CA LEU A 214 8.43 -8.83 42.70
C LEU A 214 7.85 -7.59 42.01
N ASP A 215 6.95 -7.80 41.06
CA ASP A 215 6.30 -6.67 40.39
C ASP A 215 5.44 -5.87 41.35
N GLY A 216 4.75 -6.56 42.26
CA GLY A 216 3.97 -5.85 43.27
C GLY A 216 4.84 -5.05 44.21
N ALA A 217 5.98 -5.62 44.61
CA ALA A 217 6.92 -4.87 45.43
C ALA A 217 7.46 -3.65 44.70
N LEU A 218 7.80 -3.81 43.41
CA LEU A 218 8.28 -2.69 42.61
C LEU A 218 7.20 -1.61 42.49
N GLN A 219 5.95 -2.02 42.27
CA GLN A 219 4.85 -1.07 42.15
C GLN A 219 4.63 -0.32 43.45
N LEU A 220 4.69 -1.03 44.58
CA LEU A 220 4.55 -0.35 45.87
C LEU A 220 5.72 0.58 46.14
N CYS A 221 6.90 0.27 45.59
CA CYS A 221 8.05 1.14 45.78
C CYS A 221 7.99 2.40 44.91
N ILE A 222 7.47 2.31 43.69
CA ILE A 222 7.56 3.45 42.79
C ILE A 222 6.26 4.23 42.70
N LEU A 223 5.12 3.55 42.57
CA LEU A 223 3.88 4.23 42.20
C LEU A 223 3.05 4.64 43.40
N GLN A 224 3.15 3.91 44.51
CA GLN A 224 2.37 4.15 45.72
C GLN A 224 0.88 4.02 45.44
N PRO A 225 0.38 2.82 45.14
CA PRO A 225 -1.07 2.67 44.89
C PRO A 225 -1.85 2.52 46.17
N SER A 226 -1.94 3.60 46.96
CA SER A 226 -2.62 3.55 48.24
C SER A 226 -3.76 4.55 48.37
N LYS A 227 -3.93 5.46 47.41
CA LYS A 227 -4.97 6.47 47.50
C LYS A 227 -5.64 6.61 46.14
N VAL A 228 -6.91 7.03 46.17
CA VAL A 228 -7.70 7.24 44.97
C VAL A 228 -7.61 8.70 44.59
N SER A 229 -6.93 8.99 43.49
CA SER A 229 -6.73 10.36 43.02
C SER A 229 -7.60 10.62 41.81
N PRO A 230 -8.63 11.45 41.91
CA PRO A 230 -9.47 11.72 40.73
C PRO A 230 -8.83 12.74 39.81
N GLU A 231 -9.00 12.51 38.51
CA GLU A 231 -8.51 13.46 37.52
C GLU A 231 -9.28 14.77 37.64
N SER A 232 -8.55 15.89 37.59
CA SER A 232 -9.19 17.19 37.70
C SER A 232 -10.10 17.46 36.52
N ALA A 233 -9.65 17.09 35.32
CA ALA A 233 -10.46 17.29 34.12
C ALA A 233 -11.47 16.16 33.99
N LYS A 234 -12.73 16.53 33.74
CA LYS A 234 -13.79 15.54 33.54
C LYS A 234 -13.66 14.99 32.13
N GLY A 235 -13.25 13.72 32.02
CA GLY A 235 -13.06 13.12 30.72
C GLY A 235 -14.36 12.96 29.96
N THR A 236 -14.23 12.92 28.63
CA THR A 236 -15.40 12.83 27.78
C THR A 236 -16.06 11.46 27.93
N PRO A 237 -17.38 11.38 27.81
CA PRO A 237 -18.04 10.07 27.80
C PRO A 237 -17.62 9.25 26.60
N LEU A 238 -17.67 7.92 26.77
CA LEU A 238 -17.24 7.02 25.71
C LEU A 238 -18.13 7.10 24.49
N PHE A 239 -19.45 7.19 24.68
CA PHE A 239 -20.38 7.09 23.56
C PHE A 239 -20.50 8.37 22.75
N MET A 240 -19.88 9.47 23.19
CA MET A 240 -19.59 10.56 22.26
C MET A 240 -18.38 10.22 21.40
N LEU A 241 -17.42 9.50 21.98
CA LEU A 241 -16.19 9.16 21.26
C LEU A 241 -16.45 8.17 20.12
N LEU A 242 -17.56 7.45 20.16
CA LEU A 242 -17.94 6.63 19.02
C LEU A 242 -18.62 7.44 17.93
N LYS A 243 -18.88 8.73 18.17
CA LYS A 243 -19.40 9.63 17.16
C LYS A 243 -18.28 10.41 16.46
N ASP A 244 -17.02 10.12 16.78
CA ASP A 244 -15.89 10.71 16.07
C ASP A 244 -15.48 9.80 14.94
N PRO A 245 -15.51 10.24 13.69
CA PRO A 245 -14.99 9.41 12.60
C PRO A 245 -13.50 9.11 12.74
N TYR A 246 -12.71 10.02 13.31
CA TYR A 246 -11.27 9.82 13.39
C TYR A 246 -10.93 8.69 14.36
N ILE A 247 -11.52 8.71 15.55
CA ILE A 247 -11.27 7.67 16.55
C ILE A 247 -11.79 6.34 16.05
N LEU A 248 -12.92 6.34 15.36
CA LEU A 248 -13.46 5.11 14.80
C LEU A 248 -12.54 4.53 13.73
N VAL A 249 -11.97 5.40 12.89
CA VAL A 249 -11.05 4.91 11.85
C VAL A 249 -9.78 4.34 12.48
N ALA A 250 -9.23 5.03 13.49
CA ALA A 250 -8.01 4.53 14.15
C ALA A 250 -8.27 3.20 14.85
N ALA A 251 -9.39 3.13 15.59
CA ALA A 251 -9.75 1.89 16.28
C ALA A 251 -10.02 0.78 15.27
N GLY A 252 -10.61 1.11 14.12
CA GLY A 252 -10.82 0.12 13.10
C GLY A 252 -9.53 -0.39 12.50
N SER A 253 -8.55 0.50 12.34
CA SER A 253 -7.25 0.08 11.81
C SER A 253 -6.57 -0.89 12.77
N ILE A 254 -6.56 -0.55 14.06
CA ILE A 254 -6.00 -1.43 15.07
C ILE A 254 -6.76 -2.75 15.13
N CYS A 255 -8.09 -2.67 15.06
CA CYS A 255 -8.93 -3.86 15.14
C CYS A 255 -8.71 -4.79 13.96
N PHE A 256 -8.58 -4.23 12.75
CA PHE A 256 -8.41 -5.09 11.59
C PHE A 256 -7.01 -5.70 11.53
N ALA A 257 -5.98 -4.93 11.91
CA ALA A 257 -4.63 -5.49 11.96
C ALA A 257 -4.53 -6.60 13.00
N ASN A 258 -5.09 -6.37 14.18
CA ASN A 258 -4.99 -7.39 15.21
C ASN A 258 -5.97 -8.53 14.95
N MET A 259 -7.03 -8.30 14.18
CA MET A 259 -7.85 -9.41 13.73
C MET A 259 -7.08 -10.28 12.74
N GLY A 260 -6.28 -9.63 11.89
CA GLY A 260 -5.44 -10.39 10.97
C GLY A 260 -4.42 -11.25 11.70
N VAL A 261 -3.80 -10.72 12.76
CA VAL A 261 -2.87 -11.55 13.52
C VAL A 261 -3.62 -12.61 14.32
N ALA A 262 -4.77 -12.26 14.89
CA ALA A 262 -5.44 -13.17 15.82
C ALA A 262 -6.13 -14.31 15.09
N ILE A 263 -6.58 -14.09 13.86
CA ILE A 263 -7.20 -15.16 13.10
C ILE A 263 -6.16 -16.20 12.68
N LEU A 264 -4.92 -15.73 12.46
CA LEU A 264 -3.89 -16.61 11.91
C LEU A 264 -3.45 -17.67 12.91
N GLU A 265 -3.36 -17.29 14.20
CA GLU A 265 -2.77 -18.19 15.19
C GLU A 265 -3.57 -19.46 15.42
N PRO A 266 -4.87 -19.41 15.70
CA PRO A 266 -5.64 -20.66 15.82
C PRO A 266 -5.73 -21.45 14.51
N THR A 267 -5.78 -20.77 13.36
CA THR A 267 -6.05 -21.45 12.10
C THR A 267 -4.81 -21.96 11.40
N LEU A 268 -3.64 -21.36 11.64
CA LEU A 268 -2.41 -21.78 10.95
C LEU A 268 -1.99 -23.21 11.24
N PRO A 269 -1.87 -23.66 12.51
CA PRO A 269 -1.36 -25.02 12.76
C PRO A 269 -2.24 -26.13 12.20
N ILE A 270 -3.56 -25.96 12.15
CA ILE A 270 -4.41 -26.98 11.56
C ILE A 270 -4.15 -27.12 10.07
N TRP A 271 -4.01 -25.99 9.37
CA TRP A 271 -3.65 -26.03 7.95
C TRP A 271 -2.27 -26.63 7.76
N MET A 272 -1.36 -26.41 8.70
CA MET A 272 -0.02 -26.98 8.59
C MET A 272 -0.07 -28.50 8.65
N MET A 273 -0.78 -29.06 9.63
CA MET A 273 -0.89 -30.51 9.72
C MET A 273 -1.70 -31.08 8.56
N GLN A 274 -2.65 -30.32 8.03
CA GLN A 274 -3.44 -30.82 6.91
C GLN A 274 -2.64 -30.86 5.62
N THR A 275 -1.74 -29.88 5.41
CA THR A 275 -1.08 -29.72 4.13
C THR A 275 0.37 -30.18 4.11
N MET A 276 1.22 -29.65 4.98
CA MET A 276 2.65 -29.90 4.87
C MET A 276 3.12 -31.11 5.64
N CYS A 277 2.33 -31.61 6.59
CA CYS A 277 2.70 -32.75 7.42
C CYS A 277 3.98 -32.46 8.21
N SER A 278 3.89 -31.44 9.04
CA SER A 278 5.10 -31.05 9.75
C SER A 278 5.15 -31.70 11.13
N PRO A 279 6.36 -31.95 11.65
CA PRO A 279 6.49 -32.40 13.03
C PRO A 279 5.95 -31.36 14.01
N LYS A 280 5.51 -31.86 15.17
CA LYS A 280 4.79 -31.02 16.12
C LYS A 280 5.69 -29.94 16.71
N TRP A 281 7.00 -30.19 16.77
CA TRP A 281 7.89 -29.24 17.45
C TRP A 281 8.06 -27.96 16.65
N GLN A 282 7.80 -27.99 15.34
CA GLN A 282 7.95 -26.80 14.52
C GLN A 282 6.73 -25.90 14.54
N LEU A 283 5.64 -26.32 15.18
CA LEU A 283 4.40 -25.56 15.15
C LEU A 283 4.55 -24.22 15.87
N GLY A 284 5.10 -24.24 17.08
CA GLY A 284 5.33 -22.99 17.79
C GLY A 284 6.45 -22.17 17.18
N LEU A 285 7.44 -22.85 16.59
CA LEU A 285 8.54 -22.15 15.93
C LEU A 285 8.12 -21.43 14.67
N ALA A 286 7.03 -21.88 14.03
CA ALA A 286 6.58 -21.22 12.80
C ALA A 286 6.11 -19.80 13.07
N PHE A 287 5.64 -19.50 14.28
CA PHE A 287 5.13 -18.18 14.61
C PHE A 287 6.14 -17.31 15.34
N LEU A 288 7.33 -17.82 15.61
CA LEU A 288 8.37 -17.05 16.28
C LEU A 288 8.81 -15.80 15.50
N PRO A 289 9.06 -15.86 14.17
CA PRO A 289 9.44 -14.64 13.45
C PRO A 289 8.43 -13.51 13.54
N ALA A 290 7.14 -13.81 13.69
CA ALA A 290 6.14 -12.76 13.87
C ALA A 290 6.40 -11.97 15.15
N SER A 291 6.68 -12.68 16.25
CA SER A 291 6.97 -12.00 17.51
C SER A 291 8.28 -11.23 17.45
N VAL A 292 9.32 -11.83 16.86
CA VAL A 292 10.62 -11.16 16.77
C VAL A 292 10.51 -9.89 15.94
N SER A 293 9.89 -9.99 14.77
CA SER A 293 9.72 -8.82 13.90
C SER A 293 8.81 -7.80 14.54
N TYR A 294 7.84 -8.24 15.34
CA TYR A 294 6.95 -7.29 16.00
C TYR A 294 7.71 -6.47 17.04
N LEU A 295 8.60 -7.13 17.80
CA LEU A 295 9.43 -6.40 18.76
C LEU A 295 10.36 -5.40 18.06
N ILE A 296 11.07 -5.88 17.03
CA ILE A 296 12.03 -5.03 16.32
C ILE A 296 11.32 -3.86 15.65
N GLY A 297 10.20 -4.14 14.99
CA GLY A 297 9.45 -3.10 14.31
C GLY A 297 8.83 -2.11 15.27
N THR A 298 8.33 -2.57 16.42
CA THR A 298 7.70 -1.64 17.34
C THR A 298 8.74 -0.68 17.93
N ASN A 299 9.94 -1.18 18.24
CA ASN A 299 11.01 -0.28 18.68
C ASN A 299 11.40 0.70 17.58
N LEU A 300 11.71 0.19 16.40
CA LEU A 300 12.25 1.01 15.31
C LEU A 300 11.22 2.05 14.84
N PHE A 301 9.97 1.64 14.67
CA PHE A 301 8.97 2.56 14.18
C PHE A 301 8.37 3.43 15.28
N GLY A 302 8.47 3.04 16.55
CA GLY A 302 8.24 4.01 17.60
C GLY A 302 9.26 5.13 17.56
N VAL A 303 10.47 4.83 17.11
CA VAL A 303 11.45 5.91 16.94
C VAL A 303 11.07 6.82 15.77
N LEU A 304 10.85 6.25 14.59
CA LEU A 304 10.59 7.08 13.40
C LEU A 304 9.14 7.42 12.97
N ALA A 305 8.11 6.91 13.65
CA ALA A 305 6.75 7.16 13.19
C ALA A 305 6.47 8.65 13.19
N ASN A 306 7.21 9.38 14.00
CA ASN A 306 7.00 10.82 14.09
C ASN A 306 7.71 11.55 12.95
N LYS A 307 8.90 11.10 12.58
CA LYS A 307 9.61 11.70 11.47
C LYS A 307 8.97 11.33 10.14
N MET A 308 8.63 10.06 9.95
CA MET A 308 8.08 9.60 8.68
C MET A 308 6.62 9.99 8.48
N GLY A 309 5.85 10.14 9.56
CA GLY A 309 4.44 10.45 9.45
C GLY A 309 3.57 9.32 9.96
N ARG A 310 2.66 9.61 10.90
CA ARG A 310 1.84 8.57 11.50
C ARG A 310 0.89 7.96 10.48
N TRP A 311 0.24 8.80 9.66
CA TRP A 311 -0.74 8.28 8.72
C TRP A 311 -0.07 7.44 7.64
N LEU A 312 1.12 7.85 7.18
CA LEU A 312 1.82 7.08 6.17
C LEU A 312 2.31 5.76 6.74
N CYS A 313 2.76 5.78 8.01
CA CYS A 313 3.20 4.56 8.66
C CYS A 313 2.05 3.58 8.81
N SER A 314 0.88 4.07 9.24
CA SER A 314 -0.29 3.20 9.37
C SER A 314 -0.74 2.67 8.02
N LEU A 315 -0.74 3.52 6.99
CA LEU A 315 -1.18 3.11 5.66
C LEU A 315 -0.25 2.03 5.10
N ILE A 316 1.06 2.27 5.19
CA ILE A 316 2.03 1.29 4.68
C ILE A 316 1.97 0.01 5.47
N GLY A 317 1.75 0.11 6.79
CA GLY A 317 1.65 -1.08 7.60
C GLY A 317 0.43 -1.93 7.26
N MET A 318 -0.72 -1.27 7.07
CA MET A 318 -1.93 -2.01 6.68
C MET A 318 -1.77 -2.63 5.30
N LEU A 319 -1.11 -1.92 4.38
CA LEU A 319 -0.87 -2.49 3.06
C LEU A 319 0.03 -3.71 3.13
N VAL A 320 1.10 -3.63 3.93
CA VAL A 320 2.03 -4.75 3.98
C VAL A 320 1.43 -5.92 4.76
N VAL A 321 0.59 -5.66 5.77
CA VAL A 321 -0.06 -6.77 6.46
C VAL A 321 -1.07 -7.45 5.55
N GLY A 322 -1.80 -6.67 4.75
CA GLY A 322 -2.70 -7.26 3.78
C GLY A 322 -1.97 -8.11 2.75
N THR A 323 -0.86 -7.59 2.23
CA THR A 323 -0.07 -8.35 1.26
C THR A 323 0.52 -9.61 1.89
N SER A 324 1.02 -9.50 3.13
CA SER A 324 1.62 -10.65 3.80
C SER A 324 0.60 -11.74 4.08
N LEU A 325 -0.60 -11.35 4.52
CA LEU A 325 -1.67 -12.34 4.67
C LEU A 325 -2.08 -12.91 3.32
N LEU A 326 -1.93 -12.12 2.27
CA LEU A 326 -2.22 -12.61 0.92
C LEU A 326 -1.26 -13.74 0.53
N CYS A 327 0.03 -13.57 0.86
CA CYS A 327 1.00 -14.60 0.47
C CYS A 327 1.17 -15.69 1.52
N VAL A 328 0.56 -15.53 2.70
CA VAL A 328 0.66 -16.56 3.74
C VAL A 328 0.12 -17.92 3.29
N PRO A 329 -1.08 -18.04 2.69
CA PRO A 329 -1.56 -19.36 2.29
C PRO A 329 -0.96 -19.89 1.00
N LEU A 330 0.08 -19.24 0.47
CA LEU A 330 0.79 -19.75 -0.69
C LEU A 330 2.04 -20.55 -0.33
N ALA A 331 2.38 -20.64 0.94
CA ALA A 331 3.59 -21.35 1.34
C ALA A 331 3.43 -22.85 1.14
N HIS A 332 4.43 -23.47 0.52
CA HIS A 332 4.43 -24.91 0.31
C HIS A 332 5.30 -25.67 1.29
N ASN A 333 5.98 -24.96 2.20
CA ASN A 333 6.74 -25.59 3.26
C ASN A 333 6.90 -24.57 4.39
N ILE A 334 7.58 -25.00 5.45
CA ILE A 334 7.77 -24.12 6.61
C ILE A 334 8.68 -22.94 6.24
N PHE A 335 9.66 -23.18 5.37
CA PHE A 335 10.63 -22.16 5.03
C PHE A 335 10.02 -20.99 4.28
N GLY A 336 8.86 -21.17 3.66
CA GLY A 336 8.21 -20.06 2.99
C GLY A 336 7.47 -19.11 3.91
N LEU A 337 7.30 -19.47 5.17
CA LEU A 337 6.48 -18.69 6.09
C LEU A 337 7.27 -17.72 6.95
N ILE A 338 8.62 -17.79 6.95
CA ILE A 338 9.38 -16.83 7.73
C ILE A 338 9.27 -15.43 7.14
N GLY A 339 9.20 -15.34 5.82
CA GLY A 339 9.09 -14.08 5.14
C GLY A 339 7.78 -13.36 5.41
N PRO A 340 6.66 -13.95 4.96
CA PRO A 340 5.35 -13.30 5.19
C PRO A 340 5.00 -13.12 6.65
N ASN A 341 5.38 -14.05 7.53
CA ASN A 341 5.08 -13.87 8.95
C ASN A 341 5.87 -12.71 9.54
N ALA A 342 7.14 -12.59 9.17
CA ALA A 342 7.95 -11.45 9.62
C ALA A 342 7.40 -10.15 9.07
N GLY A 343 6.94 -10.16 7.82
CA GLY A 343 6.31 -8.97 7.27
C GLY A 343 5.02 -8.61 7.97
N LEU A 344 4.23 -9.62 8.35
CA LEU A 344 3.01 -9.39 9.11
C LEU A 344 3.32 -8.78 10.47
N GLY A 345 4.34 -9.31 11.14
CA GLY A 345 4.73 -8.77 12.43
C GLY A 345 5.25 -7.35 12.32
N LEU A 346 6.06 -7.07 11.30
CA LEU A 346 6.55 -5.71 11.08
C LEU A 346 5.41 -4.76 10.74
N ALA A 347 4.44 -5.24 9.96
CA ALA A 347 3.27 -4.43 9.62
C ALA A 347 2.46 -4.08 10.86
N ILE A 348 2.22 -5.08 11.71
CA ILE A 348 1.41 -4.85 12.89
C ILE A 348 2.15 -3.96 13.88
N GLY A 349 3.47 -4.13 13.98
CA GLY A 349 4.25 -3.23 14.80
C GLY A 349 4.22 -1.80 14.28
N MET A 350 4.28 -1.65 12.96
CA MET A 350 4.19 -0.32 12.34
C MET A 350 2.85 0.34 12.65
N VAL A 351 1.76 -0.41 12.41
CA VAL A 351 0.42 0.13 12.62
C VAL A 351 0.18 0.43 14.10
N ASP A 352 0.68 -0.44 14.98
CA ASP A 352 0.51 -0.25 16.40
C ASP A 352 1.27 0.98 16.89
N SER A 353 2.54 1.10 16.50
CA SER A 353 3.33 2.24 16.94
C SER A 353 2.83 3.54 16.33
N SER A 354 2.19 3.47 15.15
CA SER A 354 1.67 4.67 14.52
C SER A 354 0.34 5.10 15.14
N MET A 355 -0.57 4.15 15.37
CA MET A 355 -1.92 4.48 15.82
C MET A 355 -2.03 4.53 17.34
N MET A 356 -1.08 3.97 18.08
CA MET A 356 -1.15 3.99 19.53
C MET A 356 -1.04 5.40 20.08
N PRO A 357 -0.09 6.24 19.65
CA PRO A 357 -0.10 7.64 20.08
C PRO A 357 -1.05 8.52 19.28
N ILE A 358 -1.51 8.08 18.11
CA ILE A 358 -2.40 8.93 17.32
C ILE A 358 -3.75 9.08 18.02
N MET A 359 -4.14 8.10 18.83
CA MET A 359 -5.39 8.22 19.59
C MET A 359 -5.27 9.31 20.64
N GLY A 360 -4.13 9.35 21.34
CA GLY A 360 -3.89 10.43 22.28
C GLY A 360 -3.78 11.77 21.59
N HIS A 361 -3.19 11.79 20.39
CA HIS A 361 -3.09 13.02 19.61
C HIS A 361 -4.47 13.53 19.23
N LEU A 362 -5.35 12.62 18.81
CA LEU A 362 -6.72 13.03 18.47
C LEU A 362 -7.47 13.51 19.70
N VAL A 363 -7.32 12.83 20.83
CA VAL A 363 -8.06 13.21 22.03
C VAL A 363 -7.53 14.52 22.59
N ASP A 364 -6.27 14.85 22.29
CA ASP A 364 -5.75 16.15 22.69
C ASP A 364 -6.15 17.25 21.72
N LEU A 365 -6.26 16.92 20.43
CA LEU A 365 -6.58 17.94 19.42
C LEU A 365 -8.04 18.31 19.44
N ARG A 366 -8.93 17.35 19.72
CA ARG A 366 -10.36 17.58 19.66
C ARG A 366 -11.04 17.56 21.03
N HIS A 367 -10.89 16.49 21.78
CA HIS A 367 -11.59 16.30 23.05
C HIS A 367 -10.75 16.77 24.21
N THR A 368 -11.22 16.46 25.42
CA THR A 368 -10.54 16.89 26.63
C THR A 368 -9.30 16.03 26.86
N SER A 369 -8.44 16.49 27.77
CA SER A 369 -7.17 15.81 28.06
C SER A 369 -7.37 14.73 29.12
N VAL A 370 -8.21 13.76 28.79
CA VAL A 370 -8.42 12.56 29.59
C VAL A 370 -8.31 11.37 28.64
N TYR A 371 -7.53 10.37 29.02
CA TYR A 371 -7.10 9.36 28.07
C TYR A 371 -7.58 7.95 28.42
N GLY A 372 -8.42 7.79 29.43
CA GLY A 372 -8.86 6.44 29.79
C GLY A 372 -9.73 5.81 28.72
N SER A 373 -10.69 6.57 28.19
CA SER A 373 -11.71 5.99 27.33
C SER A 373 -11.15 5.58 25.97
N VAL A 374 -10.27 6.40 25.40
CA VAL A 374 -9.75 6.13 24.06
C VAL A 374 -8.89 4.88 24.07
N TYR A 375 -8.00 4.76 25.05
CA TYR A 375 -7.20 3.55 25.13
C TYR A 375 -8.01 2.35 25.59
N ALA A 376 -9.12 2.58 26.31
CA ALA A 376 -10.06 1.50 26.56
C ALA A 376 -10.65 0.97 25.25
N ILE A 377 -11.01 1.89 24.34
CA ILE A 377 -11.52 1.49 23.03
C ILE A 377 -10.44 0.75 22.24
N ALA A 378 -9.19 1.19 22.36
CA ALA A 378 -8.09 0.51 21.68
C ALA A 378 -7.91 -0.91 22.19
N ASP A 379 -7.94 -1.09 23.51
CA ASP A 379 -7.86 -2.43 24.08
C ASP A 379 -9.10 -3.25 23.71
N VAL A 380 -10.25 -2.61 23.54
CA VAL A 380 -11.45 -3.30 23.07
C VAL A 380 -11.23 -3.83 21.66
N ALA A 381 -10.60 -3.03 20.79
CA ALA A 381 -10.29 -3.49 19.45
C ALA A 381 -9.32 -4.67 19.47
N PHE A 382 -8.29 -4.57 20.31
CA PHE A 382 -7.34 -5.66 20.53
C PHE A 382 -8.07 -6.94 20.94
N CYS A 383 -8.93 -6.83 21.94
CA CYS A 383 -9.59 -8.01 22.49
C CYS A 383 -10.65 -8.54 21.55
N MET A 384 -11.30 -7.68 20.77
CA MET A 384 -12.28 -8.15 19.80
C MET A 384 -11.61 -8.95 18.71
N GLY A 385 -10.45 -8.49 18.22
CA GLY A 385 -9.67 -9.31 17.31
C GLY A 385 -9.23 -10.62 17.94
N PHE A 386 -8.78 -10.57 19.19
CA PHE A 386 -8.33 -11.77 19.87
C PHE A 386 -9.48 -12.73 20.19
N ALA A 387 -10.72 -12.23 20.22
CA ALA A 387 -11.88 -13.03 20.59
C ALA A 387 -12.58 -13.66 19.40
N ILE A 388 -12.74 -12.93 18.30
CA ILE A 388 -13.37 -13.51 17.12
C ILE A 388 -12.56 -14.64 16.52
N GLY A 389 -11.24 -14.63 16.70
CA GLY A 389 -10.36 -15.58 16.06
C GLY A 389 -10.44 -17.02 16.50
N PRO A 390 -10.05 -17.31 17.76
CA PRO A 390 -9.80 -18.71 18.12
C PRO A 390 -11.05 -19.54 18.30
N SER A 391 -12.18 -18.93 18.66
CA SER A 391 -13.40 -19.71 18.82
C SER A 391 -14.01 -20.06 17.46
N THR A 392 -13.89 -19.17 16.48
CA THR A 392 -14.52 -19.34 15.18
C THR A 392 -13.55 -19.77 14.08
N GLY A 393 -12.28 -20.00 14.41
CA GLY A 393 -11.30 -20.32 13.37
C GLY A 393 -11.58 -21.64 12.68
N GLY A 394 -11.82 -22.68 13.46
CA GLY A 394 -12.13 -23.98 12.88
C GLY A 394 -13.44 -23.97 12.11
N ALA A 395 -14.43 -23.24 12.63
CA ALA A 395 -15.72 -23.13 11.95
C ALA A 395 -15.57 -22.45 10.59
N ILE A 396 -14.84 -21.33 10.55
CA ILE A 396 -14.65 -20.62 9.29
C ILE A 396 -13.81 -21.44 8.32
N VAL A 397 -12.82 -22.18 8.84
CA VAL A 397 -11.98 -23.01 7.98
C VAL A 397 -12.80 -24.14 7.36
N LYS A 398 -13.64 -24.79 8.17
CA LYS A 398 -14.50 -25.84 7.62
C LYS A 398 -15.60 -25.28 6.73
N ALA A 399 -15.96 -24.00 6.90
CA ALA A 399 -17.01 -23.41 6.08
C ALA A 399 -16.48 -22.99 4.71
N ILE A 400 -15.49 -22.09 4.68
CA ILE A 400 -15.05 -21.51 3.43
C ILE A 400 -13.63 -21.95 3.09
N GLY A 401 -12.81 -22.17 4.10
CA GLY A 401 -11.44 -22.55 3.85
C GLY A 401 -10.47 -21.49 4.35
N PHE A 402 -9.28 -21.96 4.76
CA PHE A 402 -8.25 -21.06 5.27
C PHE A 402 -7.76 -20.03 4.26
N PRO A 403 -7.41 -20.40 3.01
CA PRO A 403 -6.96 -19.38 2.05
C PRO A 403 -8.00 -18.31 1.75
N TRP A 404 -9.27 -18.66 1.74
CA TRP A 404 -10.30 -17.65 1.48
C TRP A 404 -10.45 -16.72 2.68
N LEU A 405 -10.27 -17.25 3.89
CA LEU A 405 -10.28 -16.40 5.07
C LEU A 405 -9.12 -15.42 5.05
N MET A 406 -7.93 -15.90 4.68
CA MET A 406 -6.77 -15.02 4.54
C MET A 406 -7.01 -13.96 3.48
N VAL A 407 -7.60 -14.35 2.35
CA VAL A 407 -7.88 -13.41 1.27
C VAL A 407 -8.87 -12.35 1.73
N ILE A 408 -9.90 -12.77 2.48
CA ILE A 408 -10.93 -11.84 2.95
C ILE A 408 -10.31 -10.82 3.92
N THR A 409 -9.50 -11.30 4.86
CA THR A 409 -8.87 -10.38 5.82
C THR A 409 -7.89 -9.45 5.13
N GLY A 410 -7.11 -9.98 4.18
CA GLY A 410 -6.16 -9.14 3.46
C GLY A 410 -6.82 -8.07 2.61
N VAL A 411 -7.89 -8.44 1.90
CA VAL A 411 -8.60 -7.46 1.09
C VAL A 411 -9.29 -6.44 1.97
N ILE A 412 -9.80 -6.85 3.14
CA ILE A 412 -10.41 -5.90 4.05
C ILE A 412 -9.37 -4.89 4.55
N ASN A 413 -8.18 -5.38 4.88
CA ASN A 413 -7.09 -4.49 5.30
C ASN A 413 -6.70 -3.53 4.19
N ILE A 414 -6.62 -4.03 2.95
CA ILE A 414 -6.18 -3.19 1.83
C ILE A 414 -7.20 -2.10 1.54
N VAL A 415 -8.49 -2.46 1.48
CA VAL A 415 -9.50 -1.45 1.21
C VAL A 415 -9.74 -0.54 2.40
N TYR A 416 -9.37 -0.96 3.62
CA TYR A 416 -9.48 -0.06 4.76
C TYR A 416 -8.27 0.86 4.88
N ALA A 417 -7.16 0.50 4.24
CA ALA A 417 -5.93 1.29 4.19
C ALA A 417 -6.11 2.76 3.81
N PRO A 418 -6.79 3.11 2.68
CA PRO A 418 -6.85 4.52 2.29
C PRO A 418 -7.73 5.37 3.20
N LEU A 419 -8.50 4.74 4.09
CA LEU A 419 -9.26 5.50 5.07
C LEU A 419 -8.36 6.11 6.13
N CYS A 420 -7.11 5.64 6.26
CA CYS A 420 -6.14 6.20 7.18
C CYS A 420 -5.62 7.56 6.72
N TYR A 421 -5.87 7.95 5.47
CA TYR A 421 -5.54 9.30 5.02
C TYR A 421 -6.39 10.36 5.69
N TYR A 422 -7.54 9.97 6.24
CA TYR A 422 -8.41 10.87 6.99
C TYR A 422 -7.71 11.43 8.24
N LEU A 423 -6.73 10.70 8.78
CA LEU A 423 -6.03 11.09 9.99
C LEU A 423 -4.84 12.00 9.73
N ARG A 424 -4.73 12.57 8.53
CA ARG A 424 -3.57 13.38 8.19
C ARG A 424 -3.52 14.66 9.02
N SER A 425 -4.64 15.38 9.10
CA SER A 425 -4.71 16.64 9.85
C SER A 425 -6.15 16.87 10.25
N PRO A 426 -6.63 16.16 11.27
CA PRO A 426 -8.00 16.37 11.75
C PRO A 426 -8.15 17.75 12.36
N PRO A 427 -9.21 18.47 12.02
CA PRO A 427 -9.39 19.83 12.55
C PRO A 427 -9.62 19.81 14.05
N ALA A 428 -9.17 20.87 14.71
CA ALA A 428 -9.32 21.00 16.15
C ALA A 428 -10.71 21.54 16.48
N LYS A 429 -11.01 21.59 17.77
CA LYS A 429 -12.27 22.12 18.25
C LYS A 429 -12.26 23.65 18.21
N SER B 19 19.34 -0.57 -45.85
CA SER B 19 19.92 -1.74 -45.18
C SER B 19 19.07 -2.06 -43.97
N ARG B 20 19.39 -3.18 -43.33
CA ARG B 20 18.64 -3.60 -42.15
C ARG B 20 18.87 -2.64 -40.99
N GLN B 21 20.05 -2.02 -40.90
CA GLN B 21 20.29 -1.03 -39.87
C GLN B 21 19.54 0.26 -40.14
N LEU B 22 19.32 0.59 -41.41
CA LEU B 22 18.67 1.85 -41.77
C LEU B 22 17.25 1.91 -41.24
N VAL B 23 16.49 0.82 -41.40
CA VAL B 23 15.13 0.77 -40.89
C VAL B 23 15.12 0.87 -39.38
N LEU B 24 16.14 0.28 -38.73
CA LEU B 24 16.25 0.38 -37.28
C LEU B 24 16.47 1.82 -36.84
N VAL B 25 17.35 2.55 -37.52
CA VAL B 25 17.62 3.93 -37.12
C VAL B 25 16.41 4.81 -37.38
N VAL B 26 15.67 4.56 -38.48
CA VAL B 26 14.51 5.41 -38.74
C VAL B 26 13.40 5.11 -37.74
N VAL B 27 13.21 3.85 -37.36
CA VAL B 27 12.19 3.50 -36.38
C VAL B 27 12.54 4.09 -35.02
N PHE B 28 13.82 4.02 -34.64
CA PHE B 28 14.31 4.65 -33.41
C PHE B 28 14.01 6.14 -33.41
N VAL B 29 14.32 6.82 -34.51
CA VAL B 29 14.12 8.26 -34.58
C VAL B 29 12.63 8.60 -34.55
N ALA B 30 11.80 7.77 -35.21
CA ALA B 30 10.37 8.04 -35.25
C ALA B 30 9.74 7.91 -33.87
N LEU B 31 10.09 6.84 -33.14
CA LEU B 31 9.52 6.67 -31.81
C LEU B 31 10.05 7.74 -30.85
N LEU B 32 11.32 8.10 -31.00
CA LEU B 32 11.92 9.19 -30.23
C LEU B 32 11.17 10.49 -30.43
N LEU B 33 10.94 10.87 -31.69
CA LEU B 33 10.28 12.15 -31.96
C LEU B 33 8.81 12.11 -31.54
N ASP B 34 8.16 10.96 -31.66
CA ASP B 34 6.76 10.87 -31.25
C ASP B 34 6.60 11.08 -29.75
N ASN B 35 7.40 10.37 -28.96
CA ASN B 35 7.33 10.59 -27.52
C ASN B 35 7.84 11.97 -27.14
N MET B 36 8.78 12.52 -27.91
CA MET B 36 9.24 13.88 -27.65
C MET B 36 8.13 14.90 -27.87
N LEU B 37 7.34 14.73 -28.93
CA LEU B 37 6.21 15.62 -29.16
C LEU B 37 5.18 15.49 -28.04
N PHE B 38 4.90 14.24 -27.63
CA PHE B 38 3.96 13.99 -26.54
C PHE B 38 4.41 14.71 -25.26
N THR B 39 5.70 14.67 -24.95
CA THR B 39 6.14 15.25 -23.69
C THR B 39 6.37 16.75 -23.82
N VAL B 40 6.67 17.23 -25.03
CA VAL B 40 6.98 18.64 -25.22
C VAL B 40 5.69 19.47 -25.25
N VAL B 41 4.58 18.85 -25.69
CA VAL B 41 3.31 19.55 -25.62
C VAL B 41 2.84 19.83 -24.20
N VAL B 42 3.35 19.10 -23.22
CA VAL B 42 2.86 19.16 -21.83
C VAL B 42 3.13 20.51 -21.19
N PRO B 43 4.38 20.95 -20.99
CA PRO B 43 4.61 22.19 -20.24
C PRO B 43 4.52 23.46 -21.07
N ILE B 44 4.12 23.37 -22.33
CA ILE B 44 3.96 24.53 -23.19
C ILE B 44 2.51 25.03 -23.20
N VAL B 45 1.54 24.11 -23.20
CA VAL B 45 0.14 24.51 -23.34
C VAL B 45 -0.36 25.35 -22.18
N PRO B 46 -0.18 24.96 -20.91
CA PRO B 46 -0.59 25.85 -19.82
C PRO B 46 0.16 27.16 -19.79
N THR B 47 1.47 27.15 -20.06
CA THR B 47 2.24 28.39 -20.07
C THR B 47 1.85 29.26 -21.26
N PHE B 48 1.58 28.64 -22.41
CA PHE B 48 1.12 29.41 -23.56
C PHE B 48 -0.24 30.03 -23.29
N LEU B 49 -1.12 29.30 -22.60
CA LEU B 49 -2.41 29.86 -22.21
C LEU B 49 -2.23 31.01 -21.24
N TYR B 50 -1.26 30.91 -20.33
CA TYR B 50 -0.99 32.01 -19.40
C TYR B 50 -0.45 33.23 -20.13
N ASP B 51 0.35 33.02 -21.18
CA ASP B 51 0.99 34.13 -21.85
C ASP B 51 -0.01 35.02 -22.59
N MET B 52 -1.02 34.42 -23.23
CA MET B 52 -1.94 35.18 -24.06
C MET B 52 -2.80 36.12 -23.23
N GLU B 53 -3.29 35.57 -22.12
CA GLU B 53 -4.22 36.34 -21.28
C GLU B 53 -3.42 37.38 -20.50
N PHE B 54 -2.49 38.07 -21.19
CA PHE B 54 -1.68 39.12 -20.54
C PHE B 54 -1.24 40.15 -21.58
N PHE B 76 -7.20 31.72 -13.13
CA PHE B 76 -8.57 31.71 -13.70
C PHE B 76 -8.67 30.42 -14.46
N LEU B 77 -7.59 29.64 -14.40
CA LEU B 77 -7.52 28.43 -15.20
C LEU B 77 -8.51 27.36 -14.77
N GLU B 78 -9.27 27.61 -13.69
CA GLU B 78 -10.26 26.63 -13.26
C GLU B 78 -11.37 26.44 -14.29
N GLU B 79 -11.68 27.50 -15.05
CA GLU B 79 -12.66 27.38 -16.13
C GLU B 79 -12.08 26.74 -17.38
N GLU B 80 -10.78 26.89 -17.63
CA GLU B 80 -10.15 26.37 -18.84
C GLU B 80 -9.58 24.97 -18.67
N ILE B 81 -9.53 24.45 -17.44
CA ILE B 81 -8.87 23.17 -17.20
C ILE B 81 -9.61 22.02 -17.87
N THR B 82 -10.94 22.10 -17.93
CA THR B 82 -11.70 21.01 -18.56
C THR B 82 -11.41 20.94 -20.07
N ARG B 83 -11.32 22.09 -20.74
CA ARG B 83 -10.98 22.05 -22.15
C ARG B 83 -9.52 21.70 -22.35
N VAL B 84 -8.65 22.03 -21.38
CA VAL B 84 -7.27 21.59 -21.44
C VAL B 84 -7.18 20.07 -21.38
N GLY B 85 -7.98 19.46 -20.50
CA GLY B 85 -8.03 18.02 -20.43
C GLY B 85 -8.55 17.39 -21.70
N VAL B 86 -9.57 18.01 -22.31
CA VAL B 86 -10.08 17.49 -23.57
C VAL B 86 -9.03 17.61 -24.67
N LEU B 87 -8.30 18.73 -24.70
CA LEU B 87 -7.27 18.94 -25.70
C LEU B 87 -6.13 17.94 -25.53
N PHE B 88 -5.85 17.55 -24.28
CA PHE B 88 -4.82 16.54 -24.04
C PHE B 88 -5.31 15.14 -24.39
N ALA B 89 -6.60 14.87 -24.19
CA ALA B 89 -7.14 13.54 -24.48
C ALA B 89 -7.52 13.35 -25.94
N SER B 90 -7.49 14.42 -26.75
CA SER B 90 -7.91 14.31 -28.14
C SER B 90 -7.01 13.37 -28.94
N LYS B 91 -5.71 13.42 -28.70
CA LYS B 91 -4.81 12.50 -29.39
C LYS B 91 -5.10 11.05 -29.02
N ALA B 92 -5.36 10.80 -27.74
CA ALA B 92 -5.64 9.44 -27.30
C ALA B 92 -6.93 8.91 -27.91
N VAL B 93 -7.99 9.75 -27.93
CA VAL B 93 -9.26 9.28 -28.47
C VAL B 93 -9.16 9.05 -29.97
N MET B 94 -8.50 9.96 -30.68
CA MET B 94 -8.34 9.80 -32.13
C MET B 94 -7.51 8.56 -32.46
N GLN B 95 -6.46 8.32 -31.67
CA GLN B 95 -5.69 7.09 -31.82
C GLN B 95 -6.57 5.88 -31.56
N LEU B 96 -7.47 5.98 -30.58
CA LEU B 96 -8.40 4.91 -30.26
C LEU B 96 -9.27 4.54 -31.45
N LEU B 97 -9.91 5.53 -32.08
CA LEU B 97 -10.72 5.20 -33.26
C LEU B 97 -9.87 4.80 -34.46
N VAL B 98 -8.56 5.11 -34.45
CA VAL B 98 -7.77 4.86 -35.66
C VAL B 98 -6.88 3.61 -35.59
N ASN B 99 -6.75 2.94 -34.43
CA ASN B 99 -5.95 1.71 -34.40
C ASN B 99 -6.46 0.59 -35.32
N PRO B 100 -7.74 0.19 -35.27
CA PRO B 100 -8.17 -0.97 -36.09
C PRO B 100 -8.07 -0.76 -37.59
N PHE B 101 -8.31 0.46 -38.08
CA PHE B 101 -8.37 0.69 -39.53
C PHE B 101 -7.02 0.51 -40.21
N VAL B 102 -5.91 0.66 -39.46
CA VAL B 102 -4.59 0.57 -40.08
C VAL B 102 -4.28 -0.87 -40.49
N GLY B 103 -4.95 -1.84 -39.87
CA GLY B 103 -4.72 -3.24 -40.11
C GLY B 103 -4.88 -3.68 -41.55
N PRO B 104 -6.10 -3.59 -42.09
CA PRO B 104 -6.29 -3.93 -43.51
C PRO B 104 -5.57 -2.95 -44.43
N LEU B 105 -5.39 -1.71 -43.97
CA LEU B 105 -4.66 -0.72 -44.76
C LEU B 105 -3.20 -1.13 -44.91
N THR B 106 -2.62 -1.71 -43.86
CA THR B 106 -1.25 -2.21 -43.96
C THR B 106 -1.13 -3.33 -44.99
N ASN B 107 -2.10 -4.25 -44.99
CA ASN B 107 -2.03 -5.37 -45.94
C ASN B 107 -2.27 -4.90 -47.37
N ARG B 108 -3.18 -3.95 -47.56
CA ARG B 108 -3.57 -3.55 -48.92
C ARG B 108 -2.45 -2.78 -49.62
N ILE B 109 -1.80 -1.85 -48.91
CA ILE B 109 -0.86 -0.93 -49.53
C ILE B 109 0.53 -1.02 -48.92
N GLY B 110 0.87 -2.15 -48.30
CA GLY B 110 2.20 -2.33 -47.76
C GLY B 110 2.44 -1.56 -46.48
N TYR B 111 3.72 -1.46 -46.12
CA TYR B 111 4.13 -0.84 -44.87
C TYR B 111 4.84 0.50 -45.06
N HIS B 112 5.52 0.70 -46.18
CA HIS B 112 6.27 1.93 -46.40
C HIS B 112 5.33 3.13 -46.51
N ILE B 113 4.26 3.00 -47.30
CA ILE B 113 3.33 4.11 -47.50
C ILE B 113 2.65 4.54 -46.21
N PRO B 114 2.09 3.65 -45.39
CA PRO B 114 1.60 4.08 -44.07
C PRO B 114 2.70 4.67 -43.19
N MET B 115 3.93 4.17 -43.34
CA MET B 115 5.05 4.78 -42.64
C MET B 115 5.30 6.20 -43.13
N PHE B 116 5.25 6.40 -44.46
CA PHE B 116 5.53 7.72 -45.03
C PHE B 116 4.43 8.72 -44.68
N ALA B 117 3.17 8.29 -44.74
CA ALA B 117 2.06 9.19 -44.43
C ALA B 117 2.09 9.62 -42.97
N GLY B 118 2.60 8.75 -42.09
CA GLY B 118 2.82 9.13 -40.70
C GLY B 118 3.75 10.31 -40.57
N PHE B 119 4.84 10.30 -41.36
CA PHE B 119 5.72 11.47 -41.50
C PHE B 119 4.96 12.73 -41.86
N VAL B 120 4.10 12.67 -42.86
CA VAL B 120 3.39 13.86 -43.32
C VAL B 120 2.52 14.41 -42.21
N ILE B 121 1.82 13.51 -41.49
CA ILE B 121 0.93 13.97 -40.43
C ILE B 121 1.73 14.58 -39.27
N MET B 122 2.85 13.96 -38.87
CA MET B 122 3.55 14.53 -37.72
C MET B 122 4.32 15.79 -38.10
N PHE B 123 4.80 15.89 -39.34
CA PHE B 123 5.46 17.11 -39.78
C PHE B 123 4.45 18.25 -39.82
N LEU B 124 3.24 17.96 -40.32
CA LEU B 124 2.18 18.98 -40.31
C LEU B 124 1.80 19.36 -38.89
N SER B 125 1.74 18.38 -37.98
CA SER B 125 1.43 18.68 -36.58
C SER B 125 2.51 19.53 -35.94
N THR B 126 3.78 19.26 -36.27
CA THR B 126 4.88 20.05 -35.72
C THR B 126 4.83 21.49 -36.21
N VAL B 127 4.66 21.69 -37.52
CA VAL B 127 4.60 23.04 -38.05
C VAL B 127 3.33 23.75 -37.58
N MET B 128 2.27 23.00 -37.32
CA MET B 128 1.03 23.60 -36.82
C MET B 128 1.18 24.00 -35.36
N PHE B 129 1.97 23.24 -34.61
CA PHE B 129 2.17 23.55 -33.19
C PHE B 129 2.96 24.83 -33.02
N ALA B 130 4.02 25.01 -33.81
CA ALA B 130 4.86 26.21 -33.68
C ALA B 130 4.09 27.45 -34.11
N PHE B 131 3.33 27.36 -35.18
CA PHE B 131 2.59 28.50 -35.71
C PHE B 131 1.19 28.64 -35.12
N SER B 132 0.83 27.78 -34.17
CA SER B 132 -0.50 27.85 -33.57
C SER B 132 -0.65 29.11 -32.72
N GLY B 133 -1.71 29.85 -32.97
CA GLY B 133 -2.02 31.03 -32.20
C GLY B 133 -3.43 30.98 -31.63
N THR B 134 -4.19 29.98 -32.07
CA THR B 134 -5.57 29.79 -31.66
C THR B 134 -5.76 28.40 -31.06
N TYR B 135 -6.71 28.32 -30.13
CA TYR B 135 -7.03 27.04 -29.51
C TYR B 135 -7.58 26.06 -30.54
N THR B 136 -8.34 26.56 -31.53
CA THR B 136 -8.95 25.69 -32.51
C THR B 136 -7.90 24.98 -33.36
N LEU B 137 -6.84 25.70 -33.74
CA LEU B 137 -5.76 25.09 -34.50
C LEU B 137 -5.05 24.01 -33.67
N LEU B 138 -4.87 24.25 -32.38
CA LEU B 138 -4.15 23.31 -31.52
C LEU B 138 -4.90 21.99 -31.39
N PHE B 139 -6.24 22.04 -31.34
CA PHE B 139 -7.01 20.80 -31.28
C PHE B 139 -6.83 19.98 -32.54
N VAL B 140 -6.83 20.66 -33.70
CA VAL B 140 -6.57 19.97 -34.96
C VAL B 140 -5.17 19.38 -34.97
N ALA B 141 -4.19 20.13 -34.43
CA ALA B 141 -2.82 19.63 -34.36
C ALA B 141 -2.72 18.41 -33.47
N ARG B 142 -3.44 18.40 -32.35
CA ARG B 142 -3.48 17.22 -31.49
C ARG B 142 -4.12 16.03 -32.20
N THR B 143 -5.16 16.29 -32.99
CA THR B 143 -5.79 15.21 -33.76
C THR B 143 -4.82 14.63 -34.78
N LEU B 144 -4.10 15.50 -35.50
CA LEU B 144 -3.08 15.01 -36.43
C LEU B 144 -1.96 14.29 -35.69
N GLN B 145 -1.66 14.74 -34.48
CA GLN B 145 -0.62 14.06 -33.69
C GLN B 145 -1.06 12.65 -33.36
N GLY B 146 -2.33 12.47 -32.99
CA GLY B 146 -2.84 11.12 -32.75
C GLY B 146 -2.82 10.25 -34.00
N ILE B 147 -3.25 10.83 -35.13
CA ILE B 147 -3.26 10.08 -36.40
C ILE B 147 -1.86 9.66 -36.78
N GLY B 148 -0.93 10.60 -36.75
CA GLY B 148 0.45 10.31 -37.12
C GLY B 148 1.11 9.36 -36.16
N SER B 149 0.80 9.46 -34.86
CA SER B 149 1.40 8.57 -33.89
C SER B 149 0.94 7.14 -34.10
N SER B 150 -0.37 6.95 -34.31
CA SER B 150 -0.88 5.60 -34.54
C SER B 150 -0.33 5.02 -35.84
N PHE B 151 -0.34 5.82 -36.91
CA PHE B 151 0.16 5.35 -38.20
C PHE B 151 1.64 5.01 -38.12
N SER B 152 2.45 5.90 -37.54
CA SER B 152 3.88 5.67 -37.44
C SER B 152 4.20 4.47 -36.58
N SER B 153 3.51 4.32 -35.44
CA SER B 153 3.77 3.19 -34.55
C SER B 153 3.46 1.87 -35.22
N VAL B 154 2.25 1.73 -35.77
CA VAL B 154 1.85 0.46 -36.37
C VAL B 154 2.70 0.14 -37.60
N ALA B 155 2.87 1.13 -38.49
CA ALA B 155 3.60 0.88 -39.73
C ALA B 155 5.07 0.60 -39.46
N GLY B 156 5.71 1.37 -38.57
CA GLY B 156 7.11 1.15 -38.28
C GLY B 156 7.36 -0.17 -37.59
N LEU B 157 6.48 -0.55 -36.64
CA LEU B 157 6.64 -1.84 -35.99
C LEU B 157 6.46 -2.98 -36.98
N GLY B 158 5.49 -2.86 -37.88
CA GLY B 158 5.30 -3.88 -38.89
C GLY B 158 6.47 -3.97 -39.86
N MET B 159 7.02 -2.82 -40.25
CA MET B 159 8.19 -2.82 -41.13
C MET B 159 9.40 -3.45 -40.44
N LEU B 160 9.58 -3.15 -39.16
CA LEU B 160 10.67 -3.76 -38.41
C LEU B 160 10.47 -5.27 -38.30
N ALA B 161 9.24 -5.71 -38.12
CA ALA B 161 8.96 -7.15 -38.12
C ALA B 161 9.26 -7.78 -39.46
N SER B 162 8.92 -7.08 -40.54
CA SER B 162 9.12 -7.64 -41.89
C SER B 162 10.60 -7.70 -42.26
N VAL B 163 11.38 -6.70 -41.86
CA VAL B 163 12.77 -6.63 -42.29
C VAL B 163 13.60 -7.73 -41.63
N TYR B 164 13.36 -7.98 -40.35
CA TYR B 164 14.14 -8.96 -39.59
C TYR B 164 13.39 -10.29 -39.58
N THR B 165 13.94 -11.29 -40.26
CA THR B 165 13.36 -12.63 -40.29
C THR B 165 14.30 -13.68 -39.70
N ASP B 166 15.32 -13.26 -38.95
CA ASP B 166 16.26 -14.22 -38.36
C ASP B 166 15.67 -14.97 -37.18
N ASP B 167 14.54 -14.50 -36.64
CA ASP B 167 13.77 -15.08 -35.54
C ASP B 167 14.44 -14.85 -34.18
N HIS B 168 15.61 -14.22 -34.13
CA HIS B 168 16.28 -13.97 -32.86
C HIS B 168 16.66 -12.51 -32.68
N GLU B 169 17.09 -11.84 -33.74
CA GLU B 169 17.45 -10.42 -33.65
C GLU B 169 16.24 -9.50 -33.63
N ARG B 170 15.05 -10.04 -33.88
CA ARG B 170 13.84 -9.22 -33.83
C ARG B 170 13.61 -8.68 -32.42
N GLY B 171 13.83 -9.51 -31.41
CA GLY B 171 13.69 -9.04 -30.04
C GLY B 171 14.69 -7.97 -29.68
N ARG B 172 15.92 -8.09 -30.18
CA ARG B 172 16.92 -7.05 -29.95
C ARG B 172 16.53 -5.75 -30.62
N ALA B 173 16.00 -5.82 -31.84
CA ALA B 173 15.57 -4.61 -32.54
C ALA B 173 14.40 -3.94 -31.82
N MET B 174 13.44 -4.75 -31.37
CA MET B 174 12.32 -4.20 -30.60
C MET B 174 12.81 -3.59 -29.29
N GLY B 175 13.78 -4.22 -28.64
CA GLY B 175 14.33 -3.65 -27.42
C GLY B 175 15.03 -2.33 -27.65
N THR B 176 15.74 -2.21 -28.78
CA THR B 176 16.36 -0.94 -29.13
C THR B 176 15.32 0.13 -29.39
N ALA B 177 14.24 -0.21 -30.09
CA ALA B 177 13.17 0.75 -30.36
C ALA B 177 12.51 1.21 -29.07
N LEU B 178 12.22 0.28 -28.16
CA LEU B 178 11.59 0.65 -26.89
C LEU B 178 12.54 1.44 -26.00
N GLY B 179 13.85 1.14 -26.05
CA GLY B 179 14.81 1.98 -25.37
C GLY B 179 14.85 3.38 -25.92
N GLY B 180 14.70 3.52 -27.24
CA GLY B 180 14.57 4.84 -27.83
C GLY B 180 13.32 5.56 -27.37
N LEU B 181 12.22 4.81 -27.23
CA LEU B 181 10.99 5.36 -26.66
C LEU B 181 11.20 5.91 -25.26
N ALA B 182 11.83 5.11 -24.41
CA ALA B 182 12.11 5.55 -23.03
C ALA B 182 13.06 6.75 -23.01
N LEU B 183 14.07 6.75 -23.86
CA LEU B 183 15.02 7.86 -23.91
C LEU B 183 14.33 9.14 -24.37
N GLY B 184 13.45 9.05 -25.37
CA GLY B 184 12.68 10.20 -25.78
C GLY B 184 11.78 10.72 -24.68
N LEU B 185 11.17 9.81 -23.92
CA LEU B 185 10.39 10.18 -22.75
C LEU B 185 11.25 10.94 -21.75
N LEU B 186 12.47 10.48 -21.53
CA LEU B 186 13.38 11.14 -20.59
C LEU B 186 13.76 12.54 -21.09
N VAL B 187 14.02 12.66 -22.39
CA VAL B 187 14.62 13.89 -22.91
C VAL B 187 13.60 14.98 -23.22
N GLY B 188 12.38 14.63 -23.64
CA GLY B 188 11.43 15.61 -24.11
C GLY B 188 11.02 16.71 -23.14
N ALA B 189 10.74 16.34 -21.89
CA ALA B 189 10.28 17.33 -20.91
C ALA B 189 11.33 18.39 -20.60
N PRO B 190 12.60 18.05 -20.32
CA PRO B 190 13.61 19.12 -20.15
C PRO B 190 13.83 19.96 -21.40
N PHE B 191 13.56 19.40 -22.58
CA PHE B 191 13.66 20.11 -23.84
C PHE B 191 12.70 21.28 -23.85
N GLY B 192 11.40 21.00 -23.79
CA GLY B 192 10.40 22.04 -23.92
C GLY B 192 10.40 23.02 -22.76
N SER B 193 10.61 22.51 -21.54
CA SER B 193 10.56 23.37 -20.37
C SER B 193 11.71 24.37 -20.36
N VAL B 194 12.93 23.89 -20.60
CA VAL B 194 14.10 24.78 -20.59
C VAL B 194 14.09 25.68 -21.81
N MET B 195 13.71 25.16 -22.97
CA MET B 195 13.87 25.86 -24.24
C MET B 195 12.59 26.60 -24.62
N TYR B 196 11.82 27.06 -23.63
CA TYR B 196 10.68 27.93 -23.89
C TYR B 196 10.97 29.38 -23.50
N GLU B 197 11.39 29.62 -22.26
CA GLU B 197 11.69 30.96 -21.79
C GLU B 197 13.08 31.43 -22.19
N PHE B 198 13.91 30.56 -22.74
CA PHE B 198 15.27 30.90 -23.11
C PHE B 198 15.43 31.30 -24.57
N VAL B 199 14.89 30.51 -25.50
CA VAL B 199 15.06 30.83 -26.92
C VAL B 199 13.71 30.88 -27.63
N GLY B 200 12.63 31.06 -26.88
CA GLY B 200 11.33 31.29 -27.47
C GLY B 200 10.39 30.11 -27.37
N LYS B 201 9.20 30.31 -27.96
CA LYS B 201 8.13 29.32 -27.89
C LYS B 201 8.09 28.37 -29.08
N SER B 202 8.44 28.86 -30.27
CA SER B 202 8.46 28.03 -31.47
C SER B 202 9.76 27.28 -31.65
N ALA B 203 10.68 27.38 -30.70
CA ALA B 203 11.98 26.73 -30.85
C ALA B 203 11.93 25.21 -30.80
N PRO B 204 11.43 24.55 -29.73
CA PRO B 204 11.54 23.09 -29.67
C PRO B 204 10.68 22.37 -30.70
N PHE B 205 9.58 22.97 -31.16
CA PHE B 205 8.82 22.41 -32.26
C PHE B 205 9.57 22.49 -33.58
N LEU B 206 10.23 23.62 -33.84
CA LEU B 206 11.00 23.76 -35.08
C LEU B 206 12.21 22.83 -35.07
N ILE B 207 12.89 22.70 -33.93
CA ILE B 207 14.03 21.79 -33.85
C ILE B 207 13.58 20.34 -34.01
N LEU B 208 12.42 20.01 -33.42
CA LEU B 208 11.87 18.67 -33.59
C LEU B 208 11.50 18.40 -35.04
N ALA B 209 10.94 19.41 -35.72
CA ALA B 209 10.63 19.26 -37.14
C ALA B 209 11.89 19.07 -37.98
N PHE B 210 12.95 19.80 -37.64
CA PHE B 210 14.22 19.64 -38.36
C PHE B 210 14.79 18.25 -38.14
N LEU B 211 14.74 17.75 -36.91
CA LEU B 211 15.21 16.40 -36.63
C LEU B 211 14.34 15.37 -37.34
N ALA B 212 13.04 15.65 -37.47
CA ALA B 212 12.16 14.77 -38.23
C ALA B 212 12.55 14.74 -39.69
N LEU B 213 12.90 15.91 -40.25
CA LEU B 213 13.31 15.98 -41.64
C LEU B 213 14.59 15.17 -41.89
N LEU B 214 15.46 15.10 -40.89
CA LEU B 214 16.60 14.19 -40.97
C LEU B 214 16.12 12.74 -40.95
N ASP B 215 15.01 12.47 -40.27
CA ASP B 215 14.49 11.10 -40.21
C ASP B 215 14.03 10.62 -41.57
N GLY B 216 13.23 11.42 -42.27
CA GLY B 216 12.66 10.95 -43.53
C GLY B 216 13.68 10.86 -44.64
N ALA B 217 14.74 11.68 -44.56
CA ALA B 217 15.82 11.55 -45.52
C ALA B 217 16.52 10.20 -45.38
N LEU B 218 16.60 9.69 -44.15
CA LEU B 218 17.07 8.33 -43.94
C LEU B 218 16.10 7.32 -44.54
N GLN B 219 14.80 7.57 -44.39
CA GLN B 219 13.80 6.60 -44.82
C GLN B 219 13.39 6.79 -46.27
N LEU B 220 13.66 7.95 -46.85
CA LEU B 220 13.33 8.16 -48.26
C LEU B 220 14.17 7.25 -49.16
N CYS B 221 15.44 7.07 -48.82
CA CYS B 221 16.32 6.15 -49.54
C CYS B 221 16.20 4.77 -48.89
N LYS B 234 -0.61 -15.63 -37.79
CA LYS B 234 -1.17 -14.54 -36.97
C LYS B 234 -2.61 -14.87 -36.63
N GLY B 235 -3.15 -14.35 -35.51
CA GLY B 235 -4.57 -14.57 -35.21
C GLY B 235 -5.01 -14.10 -33.84
N THR B 236 -6.15 -14.59 -33.37
CA THR B 236 -6.69 -14.10 -32.11
C THR B 236 -6.80 -12.58 -32.12
N PRO B 237 -7.80 -12.03 -32.82
CA PRO B 237 -7.95 -10.57 -32.86
C PRO B 237 -8.22 -9.98 -31.49
N LEU B 238 -7.91 -8.68 -31.37
CA LEU B 238 -7.95 -8.01 -30.07
C LEU B 238 -9.36 -7.98 -29.47
N PHE B 239 -10.39 -8.06 -30.29
CA PHE B 239 -11.75 -8.11 -29.77
C PHE B 239 -12.25 -9.55 -29.52
N MET B 240 -11.38 -10.56 -29.65
CA MET B 240 -11.52 -11.81 -28.91
C MET B 240 -10.59 -11.91 -27.71
N LEU B 241 -9.47 -11.19 -27.70
CA LEU B 241 -8.54 -11.29 -26.57
C LEU B 241 -9.02 -10.51 -25.36
N LEU B 242 -10.01 -9.64 -25.54
CA LEU B 242 -10.66 -8.98 -24.42
C LEU B 242 -11.87 -9.76 -23.91
N LYS B 243 -11.96 -11.04 -24.27
CA LYS B 243 -13.12 -11.86 -23.93
C LYS B 243 -12.96 -12.64 -22.64
N ASP B 244 -11.79 -12.61 -22.00
CA ASP B 244 -11.56 -13.37 -20.78
C ASP B 244 -11.22 -12.45 -19.63
N PRO B 245 -11.65 -12.79 -18.40
CA PRO B 245 -11.42 -11.89 -17.26
C PRO B 245 -9.97 -11.63 -16.93
N TYR B 246 -9.07 -12.59 -17.19
CA TYR B 246 -7.68 -12.42 -16.80
C TYR B 246 -7.00 -11.29 -17.57
N ILE B 247 -7.13 -11.31 -18.90
CA ILE B 247 -6.51 -10.28 -19.72
C ILE B 247 -7.17 -8.94 -19.47
N LEU B 248 -8.48 -8.94 -19.21
CA LEU B 248 -9.17 -7.69 -18.90
C LEU B 248 -8.69 -7.11 -17.58
N VAL B 249 -8.43 -7.97 -16.59
CA VAL B 249 -7.90 -7.51 -15.31
C VAL B 249 -6.50 -6.95 -15.49
N ALA B 250 -5.68 -7.61 -16.31
CA ALA B 250 -4.33 -7.10 -16.56
C ALA B 250 -4.36 -5.77 -17.30
N ALA B 251 -5.24 -5.64 -18.29
CA ALA B 251 -5.35 -4.40 -19.05
C ALA B 251 -5.85 -3.28 -18.16
N GLY B 252 -6.82 -3.57 -17.29
CA GLY B 252 -7.25 -2.59 -16.31
C GLY B 252 -6.14 -2.23 -15.33
N SER B 253 -5.27 -3.20 -15.05
CA SER B 253 -4.11 -2.95 -14.18
C SER B 253 -3.18 -1.92 -14.81
N ILE B 254 -2.81 -2.13 -16.08
CA ILE B 254 -1.92 -1.19 -16.76
C ILE B 254 -2.59 0.16 -16.94
N CYS B 255 -3.89 0.15 -17.26
CA CYS B 255 -4.63 1.40 -17.45
C CYS B 255 -4.70 2.20 -16.15
N PHE B 256 -4.99 1.54 -15.03
CA PHE B 256 -5.08 2.24 -13.76
C PHE B 256 -3.70 2.70 -13.30
N ALA B 257 -2.66 1.93 -13.58
CA ALA B 257 -1.31 2.36 -13.22
C ALA B 257 -0.90 3.59 -14.01
N ASN B 258 -1.21 3.63 -15.30
CA ASN B 258 -0.81 4.77 -16.13
C ASN B 258 -1.74 5.97 -15.96
N MET B 259 -2.94 5.75 -15.43
CA MET B 259 -3.90 6.84 -15.30
C MET B 259 -3.45 7.87 -14.29
N GLY B 260 -2.59 7.49 -13.34
CA GLY B 260 -2.06 8.46 -12.40
C GLY B 260 -1.25 9.55 -13.08
N VAL B 261 -0.27 9.17 -13.90
CA VAL B 261 0.48 10.16 -14.65
C VAL B 261 -0.39 10.82 -15.72
N ALA B 262 -1.37 10.08 -16.27
CA ALA B 262 -2.25 10.64 -17.28
C ALA B 262 -3.08 11.78 -16.71
N ILE B 263 -3.58 11.62 -15.49
CA ILE B 263 -4.35 12.68 -14.84
C ILE B 263 -3.43 13.74 -14.26
N LEU B 264 -2.17 13.38 -13.96
CA LEU B 264 -1.23 14.37 -13.45
C LEU B 264 -0.81 15.36 -14.53
N GLU B 265 -0.69 14.90 -15.78
CA GLU B 265 -0.15 15.74 -16.85
C GLU B 265 -1.01 16.98 -17.13
N PRO B 266 -2.33 16.87 -17.33
CA PRO B 266 -3.13 18.10 -17.49
C PRO B 266 -3.15 19.01 -16.27
N THR B 267 -3.12 18.47 -15.06
CA THR B 267 -3.48 19.22 -13.87
C THR B 267 -2.30 19.64 -13.00
N LEU B 268 -1.18 18.91 -13.03
CA LEU B 268 -0.04 19.27 -12.18
C LEU B 268 0.55 20.62 -12.54
N PRO B 269 0.82 20.95 -13.82
CA PRO B 269 1.33 22.30 -14.12
C PRO B 269 0.40 23.44 -13.70
N ILE B 270 -0.90 23.30 -13.92
CA ILE B 270 -1.82 24.35 -13.51
C ILE B 270 -1.86 24.47 -12.00
N TRP B 271 -1.76 23.32 -11.31
CA TRP B 271 -1.63 23.32 -9.86
C TRP B 271 -0.37 24.05 -9.43
N MET B 272 0.72 23.88 -10.18
CA MET B 272 1.99 24.51 -9.83
C MET B 272 1.91 26.02 -9.98
N MET B 273 1.36 26.50 -11.09
CA MET B 273 1.17 27.96 -11.21
C MET B 273 0.11 28.48 -10.25
N GLN B 274 -0.63 27.62 -9.61
CA GLN B 274 -1.70 28.25 -8.79
C GLN B 274 -1.27 28.27 -7.33
N THR B 275 -0.45 27.31 -6.93
CA THR B 275 0.02 27.35 -5.54
C THR B 275 1.54 27.41 -5.42
N MET B 276 2.28 26.66 -6.24
CA MET B 276 3.73 26.55 -6.10
C MET B 276 4.46 27.84 -6.43
N CYS B 277 3.98 28.60 -7.41
CA CYS B 277 4.65 29.83 -7.87
C CYS B 277 6.05 29.53 -8.39
N SER B 278 6.23 28.35 -8.99
CA SER B 278 7.50 27.95 -9.54
C SER B 278 7.82 28.76 -10.79
N PRO B 279 9.10 28.89 -11.14
CA PRO B 279 9.46 29.58 -12.37
C PRO B 279 9.00 28.79 -13.59
N LYS B 280 8.70 29.52 -14.67
CA LYS B 280 8.06 28.91 -15.83
C LYS B 280 8.95 27.92 -16.56
N TRP B 281 10.26 27.97 -16.34
CA TRP B 281 11.20 27.02 -16.92
C TRP B 281 11.31 25.74 -16.11
N GLN B 282 10.72 25.70 -14.91
CA GLN B 282 10.87 24.56 -14.01
C GLN B 282 9.76 23.53 -14.14
N LEU B 283 8.73 23.82 -14.94
CA LEU B 283 7.55 22.95 -14.98
C LEU B 283 7.88 21.58 -15.57
N GLY B 284 8.52 21.56 -16.75
CA GLY B 284 8.95 20.28 -17.30
C GLY B 284 10.05 19.62 -16.51
N LEU B 285 10.88 20.40 -15.82
CA LEU B 285 11.90 19.83 -14.94
C LEU B 285 11.28 19.14 -13.74
N ALA B 286 10.08 19.58 -13.35
CA ALA B 286 9.37 18.98 -12.22
C ALA B 286 8.88 17.56 -12.49
N PHE B 287 8.89 17.11 -13.74
CA PHE B 287 8.52 15.74 -14.08
C PHE B 287 9.72 14.84 -14.35
N LEU B 288 10.93 15.35 -14.20
CA LEU B 288 12.13 14.54 -14.39
C LEU B 288 12.22 13.32 -13.47
N PRO B 289 11.87 13.38 -12.18
CA PRO B 289 11.85 12.15 -11.38
C PRO B 289 10.95 11.06 -11.94
N ALA B 290 9.80 11.42 -12.53
CA ALA B 290 8.89 10.43 -13.06
C ALA B 290 9.48 9.67 -14.24
N SER B 291 10.46 10.25 -14.92
CA SER B 291 11.15 9.58 -16.02
C SER B 291 12.40 8.85 -15.58
N VAL B 292 13.23 9.50 -14.75
CA VAL B 292 14.48 8.88 -14.29
C VAL B 292 14.17 7.65 -13.43
N SER B 293 13.29 7.81 -12.44
CA SER B 293 12.91 6.69 -11.61
C SER B 293 12.17 5.63 -12.40
N TYR B 294 11.43 6.04 -13.45
CA TYR B 294 10.78 5.06 -14.30
C TYR B 294 11.80 4.17 -15.01
N LEU B 295 12.85 4.79 -15.56
CA LEU B 295 13.86 4.01 -16.26
C LEU B 295 14.61 3.08 -15.31
N ILE B 296 14.98 3.60 -14.13
CA ILE B 296 15.69 2.78 -13.14
C ILE B 296 14.81 1.63 -12.69
N GLY B 297 13.54 1.90 -12.40
CA GLY B 297 12.65 0.87 -11.94
C GLY B 297 12.36 -0.18 -13.00
N THR B 298 12.18 0.24 -14.25
CA THR B 298 11.87 -0.73 -15.29
C THR B 298 13.05 -1.66 -15.54
N ASN B 299 14.29 -1.11 -15.55
CA ASN B 299 15.45 -1.97 -15.71
C ASN B 299 15.62 -2.92 -14.52
N LEU B 300 15.54 -2.37 -13.30
CA LEU B 300 15.78 -3.16 -12.10
C LEU B 300 14.74 -4.28 -11.94
N PHE B 301 13.50 -3.87 -11.86
CA PHE B 301 12.50 -4.90 -11.47
C PHE B 301 12.46 -5.99 -12.51
N GLY B 302 13.01 -5.76 -13.68
CA GLY B 302 12.82 -6.87 -14.62
C GLY B 302 13.49 -8.17 -14.19
N VAL B 303 14.74 -8.14 -13.72
CA VAL B 303 15.38 -9.36 -13.15
C VAL B 303 14.67 -9.74 -11.85
N LEU B 304 14.38 -8.74 -11.02
CA LEU B 304 13.78 -8.99 -9.69
C LEU B 304 12.41 -9.63 -9.87
N ALA B 305 11.67 -9.16 -10.86
CA ALA B 305 10.28 -9.62 -11.03
C ALA B 305 10.17 -11.13 -11.03
N ASN B 306 11.01 -11.83 -11.77
CA ASN B 306 10.68 -13.25 -11.87
C ASN B 306 11.01 -13.99 -10.58
N LYS B 307 11.97 -13.50 -9.79
CA LYS B 307 12.34 -14.19 -8.57
C LYS B 307 11.26 -14.06 -7.50
N MET B 308 10.60 -12.91 -7.41
CA MET B 308 9.64 -12.64 -6.35
C MET B 308 8.19 -12.60 -6.84
N GLY B 309 7.91 -13.17 -8.01
CA GLY B 309 6.55 -13.25 -8.50
C GLY B 309 6.10 -11.98 -9.19
N ARG B 310 5.42 -12.13 -10.34
CA ARG B 310 4.96 -10.96 -11.07
C ARG B 310 3.76 -10.31 -10.40
N TRP B 311 2.85 -11.11 -9.83
CA TRP B 311 1.65 -10.57 -9.22
C TRP B 311 1.99 -9.74 -7.97
N LEU B 312 2.98 -10.18 -7.21
CA LEU B 312 3.42 -9.40 -6.05
C LEU B 312 4.03 -8.07 -6.49
N CYS B 313 4.78 -8.09 -7.60
CA CYS B 313 5.34 -6.88 -8.16
C CYS B 313 4.24 -5.90 -8.56
N SER B 314 3.21 -6.41 -9.23
CA SER B 314 2.11 -5.55 -9.66
C SER B 314 1.34 -4.98 -8.47
N LEU B 315 1.10 -5.82 -7.45
CA LEU B 315 0.37 -5.35 -6.27
C LEU B 315 1.15 -4.28 -5.52
N ILE B 316 2.46 -4.51 -5.32
CA ILE B 316 3.28 -3.52 -4.64
C ILE B 316 3.37 -2.25 -5.46
N GLY B 317 3.41 -2.38 -6.80
CA GLY B 317 3.46 -1.22 -7.66
C GLY B 317 2.21 -0.38 -7.58
N MET B 318 1.04 -1.03 -7.57
CA MET B 318 -0.20 -0.28 -7.40
C MET B 318 -0.30 0.37 -6.04
N LEU B 319 0.17 -0.32 -4.99
CA LEU B 319 0.15 0.27 -3.67
C LEU B 319 1.02 1.52 -3.60
N VAL B 320 2.22 1.48 -4.19
CA VAL B 320 3.07 2.66 -4.17
C VAL B 320 2.56 3.72 -5.13
N VAL B 321 1.84 3.35 -6.20
CA VAL B 321 1.20 4.33 -7.06
C VAL B 321 0.14 5.11 -6.28
N GLY B 322 -0.70 4.39 -5.55
CA GLY B 322 -1.72 5.05 -4.75
C GLY B 322 -1.14 5.93 -3.66
N THR B 323 -0.09 5.43 -2.98
CA THR B 323 0.55 6.20 -1.93
C THR B 323 1.22 7.45 -2.50
N SER B 324 1.85 7.33 -3.67
CA SER B 324 2.49 8.48 -4.30
C SER B 324 1.46 9.53 -4.71
N LEU B 325 0.34 9.08 -5.28
CA LEU B 325 -0.69 10.04 -5.69
C LEU B 325 -1.31 10.71 -4.47
N LEU B 326 -1.42 9.99 -3.35
CA LEU B 326 -1.92 10.62 -2.13
C LEU B 326 -0.92 11.62 -1.58
N CYS B 327 0.38 11.31 -1.66
CA CYS B 327 1.40 12.19 -1.11
C CYS B 327 1.71 13.37 -2.02
N VAL B 328 1.29 13.32 -3.28
CA VAL B 328 1.55 14.44 -4.20
C VAL B 328 0.94 15.76 -3.76
N PRO B 329 -0.36 15.86 -3.42
CA PRO B 329 -0.94 17.21 -3.23
C PRO B 329 -0.61 17.90 -1.92
N LEU B 330 0.38 17.43 -1.15
CA LEU B 330 0.77 18.08 0.08
C LEU B 330 2.02 18.95 -0.07
N ALA B 331 2.79 18.78 -1.13
CA ALA B 331 4.03 19.52 -1.29
C ALA B 331 3.76 21.01 -1.51
N HIS B 332 4.47 21.85 -0.77
CA HIS B 332 4.35 23.30 -0.91
C HIS B 332 5.48 23.93 -1.70
N ASN B 333 6.41 23.13 -2.23
CA ASN B 333 7.47 23.65 -3.07
C ASN B 333 8.05 22.51 -3.91
N ILE B 334 8.76 22.87 -4.97
CA ILE B 334 9.09 21.94 -6.06
C ILE B 334 9.96 20.79 -5.57
N PHE B 335 10.81 21.04 -4.57
CA PHE B 335 11.63 19.95 -4.04
C PHE B 335 10.81 18.89 -3.32
N GLY B 336 9.59 19.23 -2.88
CA GLY B 336 8.71 18.21 -2.33
C GLY B 336 8.25 17.18 -3.34
N LEU B 337 8.10 17.57 -4.60
CA LEU B 337 7.59 16.69 -5.64
C LEU B 337 8.58 15.60 -6.05
N ILE B 338 9.86 15.73 -5.70
CA ILE B 338 10.84 14.77 -6.19
C ILE B 338 10.63 13.40 -5.55
N GLY B 339 10.23 13.34 -4.29
CA GLY B 339 9.99 12.09 -3.62
C GLY B 339 8.81 11.33 -4.20
N PRO B 340 7.60 11.92 -4.07
CA PRO B 340 6.41 11.24 -4.61
C PRO B 340 6.44 10.99 -6.10
N ASN B 341 6.98 11.92 -6.90
CA ASN B 341 7.02 11.69 -8.34
C ASN B 341 8.00 10.59 -8.70
N ALA B 342 9.15 10.53 -8.01
CA ALA B 342 10.10 9.46 -8.24
C ALA B 342 9.50 8.12 -7.83
N GLY B 343 8.78 8.10 -6.70
CA GLY B 343 8.10 6.87 -6.29
C GLY B 343 7.05 6.44 -7.29
N LEU B 344 6.29 7.39 -7.83
CA LEU B 344 5.28 7.07 -8.82
C LEU B 344 5.90 6.53 -10.10
N GLY B 345 7.01 7.13 -10.53
CA GLY B 345 7.71 6.62 -11.71
C GLY B 345 8.25 5.22 -11.50
N LEU B 346 8.86 4.97 -10.34
CA LEU B 346 9.33 3.63 -10.01
C LEU B 346 8.17 2.65 -9.93
N ALA B 347 7.03 3.10 -9.43
CA ALA B 347 5.85 2.26 -9.32
C ALA B 347 5.31 1.87 -10.68
N ILE B 348 5.19 2.83 -11.60
CA ILE B 348 4.71 2.53 -12.93
C ILE B 348 5.69 1.64 -13.67
N GLY B 349 6.99 1.84 -13.44
CA GLY B 349 7.98 0.95 -14.02
C GLY B 349 7.84 -0.47 -13.50
N MET B 350 7.62 -0.63 -12.20
CA MET B 350 7.40 -1.94 -11.62
C MET B 350 6.14 -2.59 -12.20
N VAL B 351 5.07 -1.82 -12.32
CA VAL B 351 3.80 -2.35 -12.81
C VAL B 351 3.94 -2.79 -14.26
N ASP B 352 4.61 -1.98 -15.08
CA ASP B 352 4.82 -2.36 -16.47
C ASP B 352 5.70 -3.58 -16.60
N SER B 353 6.81 -3.61 -15.86
CA SER B 353 7.75 -4.72 -15.98
C SER B 353 7.15 -6.02 -15.44
N SER B 354 6.19 -5.92 -14.52
CA SER B 354 5.53 -7.12 -14.01
C SER B 354 4.34 -7.57 -14.86
N MET B 355 3.58 -6.64 -15.44
CA MET B 355 2.35 -6.96 -16.15
C MET B 355 2.57 -7.25 -17.63
N MET B 356 3.59 -6.66 -18.25
CA MET B 356 3.88 -6.98 -19.65
C MET B 356 4.23 -8.44 -19.86
N PRO B 357 5.16 -9.05 -19.11
CA PRO B 357 5.37 -10.49 -19.25
C PRO B 357 4.17 -11.33 -18.84
N ILE B 358 3.37 -10.87 -17.87
CA ILE B 358 2.19 -11.64 -17.49
C ILE B 358 1.14 -11.59 -18.59
N MET B 359 1.06 -10.46 -19.30
CA MET B 359 0.18 -10.40 -20.46
C MET B 359 0.67 -11.32 -21.56
N GLY B 360 1.99 -11.38 -21.76
CA GLY B 360 2.54 -12.30 -22.73
C GLY B 360 2.25 -13.75 -22.38
N HIS B 361 2.40 -14.10 -21.10
CA HIS B 361 2.11 -15.45 -20.64
C HIS B 361 0.63 -15.78 -20.80
N LEU B 362 -0.25 -14.84 -20.45
CA LEU B 362 -1.68 -15.08 -20.57
C LEU B 362 -2.10 -15.27 -22.02
N VAL B 363 -1.55 -14.47 -22.93
CA VAL B 363 -1.87 -14.63 -24.34
C VAL B 363 -1.29 -15.93 -24.87
N ASP B 364 -0.11 -16.32 -24.41
CA ASP B 364 0.55 -17.51 -24.95
C ASP B 364 -0.13 -18.79 -24.47
N LEU B 365 -0.54 -18.83 -23.20
CA LEU B 365 -0.96 -20.10 -22.60
C LEU B 365 -2.33 -20.53 -23.12
N ARG B 366 -3.21 -19.57 -23.38
CA ARG B 366 -4.58 -19.88 -23.79
C ARG B 366 -4.82 -19.64 -25.28
N HIS B 367 -4.25 -18.58 -25.83
CA HIS B 367 -4.50 -18.19 -27.21
C HIS B 367 -3.20 -18.22 -28.01
N THR B 368 -3.26 -17.76 -29.25
CA THR B 368 -2.08 -17.65 -30.11
C THR B 368 -1.71 -16.19 -30.27
N SER B 369 -0.45 -15.86 -29.99
CA SER B 369 0.04 -14.49 -30.07
C SER B 369 0.93 -14.32 -31.28
N VAL B 370 1.22 -13.06 -31.60
CA VAL B 370 2.08 -12.69 -32.73
C VAL B 370 3.24 -11.88 -32.18
N TYR B 371 4.07 -11.33 -33.08
CA TYR B 371 5.25 -10.56 -32.67
C TYR B 371 4.86 -9.34 -31.84
N GLY B 372 3.70 -8.75 -32.12
CA GLY B 372 3.23 -7.61 -31.37
C GLY B 372 1.80 -7.74 -30.90
N SER B 373 1.39 -8.97 -30.58
CA SER B 373 0.06 -9.18 -30.03
C SER B 373 -0.09 -8.54 -28.66
N VAL B 374 0.98 -8.53 -27.87
CA VAL B 374 0.96 -7.86 -26.58
C VAL B 374 0.92 -6.35 -26.76
N TYR B 375 1.37 -5.86 -27.91
CA TYR B 375 1.40 -4.42 -28.18
C TYR B 375 0.00 -3.81 -28.17
N ALA B 376 -0.97 -4.50 -28.80
CA ALA B 376 -2.29 -3.92 -28.96
C ALA B 376 -3.03 -3.83 -27.63
N ILE B 377 -2.85 -4.82 -26.77
CA ILE B 377 -3.58 -4.85 -25.50
C ILE B 377 -3.10 -3.75 -24.57
N ALA B 378 -1.78 -3.57 -24.48
CA ALA B 378 -1.23 -2.54 -23.60
C ALA B 378 -1.57 -1.15 -24.13
N ASP B 379 -1.48 -0.96 -25.44
CA ASP B 379 -1.75 0.35 -26.03
C ASP B 379 -3.20 0.75 -25.84
N VAL B 380 -4.10 -0.24 -25.82
CA VAL B 380 -5.50 0.05 -25.54
C VAL B 380 -5.65 0.59 -24.12
N ALA B 381 -4.86 0.06 -23.19
CA ALA B 381 -4.86 0.59 -21.83
C ALA B 381 -4.29 2.00 -21.79
N PHE B 382 -3.20 2.24 -22.54
CA PHE B 382 -2.58 3.55 -22.54
C PHE B 382 -3.49 4.60 -23.17
N CYS B 383 -4.09 4.28 -24.32
CA CYS B 383 -5.03 5.21 -24.93
C CYS B 383 -6.28 5.39 -24.08
N MET B 384 -6.71 4.30 -23.40
CA MET B 384 -7.82 4.40 -22.46
C MET B 384 -7.54 5.41 -21.36
N GLY B 385 -6.37 5.31 -20.73
CA GLY B 385 -6.02 6.26 -19.69
C GLY B 385 -5.87 7.67 -20.21
N PHE B 386 -5.14 7.83 -21.31
CA PHE B 386 -4.87 9.15 -21.84
C PHE B 386 -6.09 9.80 -22.49
N ALA B 387 -7.17 9.04 -22.71
CA ALA B 387 -8.43 9.62 -23.15
C ALA B 387 -9.40 9.87 -22.01
N ILE B 388 -9.48 8.98 -21.02
CA ILE B 388 -10.43 9.13 -19.94
C ILE B 388 -9.91 10.04 -18.82
N GLY B 389 -8.68 9.85 -18.36
CA GLY B 389 -8.11 10.66 -17.32
C GLY B 389 -8.01 12.13 -17.67
N PRO B 390 -7.48 12.48 -18.84
CA PRO B 390 -7.50 13.90 -19.23
C PRO B 390 -8.89 14.46 -19.43
N SER B 391 -9.78 13.71 -20.08
CA SER B 391 -11.13 14.21 -20.32
C SER B 391 -11.93 14.33 -19.03
N THR B 392 -11.95 13.28 -18.22
CA THR B 392 -12.67 13.31 -16.96
C THR B 392 -12.01 14.25 -15.94
N GLY B 393 -10.70 14.45 -16.05
CA GLY B 393 -9.98 15.24 -15.08
C GLY B 393 -10.35 16.70 -15.07
N GLY B 394 -10.62 17.28 -16.24
CA GLY B 394 -11.04 18.67 -16.27
C GLY B 394 -12.36 18.88 -15.56
N ALA B 395 -13.32 18.00 -15.80
CA ALA B 395 -14.60 18.06 -15.12
C ALA B 395 -14.44 17.82 -13.62
N ILE B 396 -13.59 16.87 -13.24
CA ILE B 396 -13.47 16.53 -11.83
C ILE B 396 -12.75 17.63 -11.07
N VAL B 397 -11.84 18.36 -11.72
CA VAL B 397 -11.16 19.48 -11.07
C VAL B 397 -12.04 20.72 -11.08
N LYS B 398 -12.91 20.87 -12.08
CA LYS B 398 -13.88 21.96 -12.03
C LYS B 398 -14.88 21.74 -10.89
N ALA B 399 -15.38 20.51 -10.76
CA ALA B 399 -16.36 20.22 -9.71
C ALA B 399 -15.73 20.25 -8.34
N ILE B 400 -14.66 19.48 -8.13
CA ILE B 400 -13.98 19.40 -6.85
C ILE B 400 -12.50 19.65 -7.07
N GLY B 401 -11.76 19.76 -5.98
CA GLY B 401 -10.37 20.14 -6.04
C GLY B 401 -9.49 19.06 -6.65
N PHE B 402 -8.32 19.51 -7.09
CA PHE B 402 -7.25 18.59 -7.52
C PHE B 402 -6.84 17.58 -6.46
N PRO B 403 -6.71 17.92 -5.16
CA PRO B 403 -6.42 16.88 -4.16
C PRO B 403 -7.45 15.77 -4.11
N TRP B 404 -8.72 16.09 -4.32
CA TRP B 404 -9.73 15.03 -4.37
C TRP B 404 -9.55 14.17 -5.60
N LEU B 405 -9.08 14.76 -6.70
CA LEU B 405 -8.74 13.98 -7.90
C LEU B 405 -7.64 12.98 -7.59
N MET B 406 -6.56 13.46 -6.95
CA MET B 406 -5.45 12.57 -6.62
C MET B 406 -5.88 11.49 -5.64
N VAL B 407 -6.70 11.86 -4.66
CA VAL B 407 -7.19 10.87 -3.69
C VAL B 407 -8.08 9.84 -4.35
N ILE B 408 -8.90 10.27 -5.31
CA ILE B 408 -9.79 9.35 -6.01
C ILE B 408 -8.98 8.34 -6.83
N THR B 409 -7.98 8.85 -7.57
CA THR B 409 -7.15 7.95 -8.37
C THR B 409 -6.35 6.98 -7.50
N GLY B 410 -5.80 7.48 -6.39
CA GLY B 410 -5.06 6.61 -5.49
C GLY B 410 -5.93 5.56 -4.84
N VAL B 411 -7.15 5.95 -4.44
CA VAL B 411 -8.06 4.99 -3.83
C VAL B 411 -8.49 3.95 -4.84
N ILE B 412 -8.70 4.36 -6.09
CA ILE B 412 -9.09 3.41 -7.14
C ILE B 412 -7.98 2.40 -7.36
N ASN B 413 -6.73 2.87 -7.41
CA ASN B 413 -5.60 1.96 -7.55
C ASN B 413 -5.48 1.01 -6.35
N ILE B 414 -5.70 1.55 -5.14
CA ILE B 414 -5.56 0.74 -3.93
C ILE B 414 -6.62 -0.37 -3.88
N VAL B 415 -7.88 -0.04 -4.18
CA VAL B 415 -8.91 -1.08 -4.16
C VAL B 415 -8.74 -2.04 -5.33
N TYR B 416 -8.20 -1.57 -6.46
CA TYR B 416 -7.96 -2.49 -7.56
C TYR B 416 -6.79 -3.41 -7.29
N ALA B 417 -5.91 -3.01 -6.37
CA ALA B 417 -4.73 -3.81 -6.00
C ALA B 417 -5.03 -5.25 -5.58
N PRO B 418 -6.05 -5.54 -4.76
CA PRO B 418 -6.32 -6.95 -4.41
C PRO B 418 -6.72 -7.83 -5.58
N LEU B 419 -7.14 -7.25 -6.71
CA LEU B 419 -7.56 -8.06 -7.86
C LEU B 419 -6.39 -8.74 -8.57
N CYS B 420 -5.14 -8.42 -8.22
CA CYS B 420 -3.99 -9.04 -8.86
C CYS B 420 -3.72 -10.45 -8.38
N TYR B 421 -4.42 -10.92 -7.35
CA TYR B 421 -4.35 -12.32 -6.97
C TYR B 421 -4.89 -13.22 -8.07
N TYR B 422 -5.82 -12.71 -8.88
CA TYR B 422 -6.47 -13.50 -9.91
C TYR B 422 -5.49 -14.00 -10.97
N LEU B 423 -4.36 -13.32 -11.14
CA LEU B 423 -3.40 -13.65 -12.18
C LEU B 423 -2.34 -14.67 -11.75
N ARG B 424 -2.27 -15.02 -10.47
CA ARG B 424 -1.25 -15.97 -10.03
C ARG B 424 -1.67 -17.37 -10.44
N SER B 425 -0.85 -18.00 -11.28
CA SER B 425 -1.04 -19.34 -11.85
C SER B 425 -2.43 -19.55 -12.45
N PRO B 426 -2.85 -18.75 -13.42
CA PRO B 426 -4.17 -18.95 -14.00
C PRO B 426 -4.18 -20.19 -14.86
N PRO B 427 -5.36 -20.86 -15.05
CA PRO B 427 -5.38 -22.16 -15.69
C PRO B 427 -5.80 -22.34 -17.15
N ALA B 428 -7.05 -22.08 -17.47
CA ALA B 428 -7.58 -22.26 -18.85
C ALA B 428 -7.68 -23.75 -19.20
#